data_7MSQ
#
_entry.id   7MSQ
#
_cell.length_a   109.764
_cell.length_b   115.494
_cell.length_c   240.758
_cell.angle_alpha   90.000
_cell.angle_beta   90.000
_cell.angle_gamma   90.000
#
_symmetry.space_group_name_H-M   'C 2 2 21'
#
loop_
_entity.id
_entity.type
_entity.pdbx_description
1 polymer 'Spike protein S1'
2 polymer 'AB-3467 Fab Heavy Chain'
3 polymer 'AB-3467 Fab Light Chain'
4 branched alpha-D-mannopyranose-(1-3)-beta-D-mannopyranose-(1-4)-2-acetamido-2-deoxy-beta-D-glucopyranose-(1-4)-[alpha-L-fucopyranose-(1-6)]2-acetamido-2-deoxy-beta-D-glucopyranose
5 non-polymer 'CHLORIDE ION'
6 non-polymer 'THIOCYANATE ION'
7 non-polymer GLYCEROL
8 water water
#
loop_
_entity_poly.entity_id
_entity_poly.type
_entity_poly.pdbx_seq_one_letter_code
_entity_poly.pdbx_strand_id
1 'polypeptide(L)'
;TNLCPFGEVFNATRFASVYAWNRKRISNCVADYSVLYNSASFSTFKCYGVSPTKLNDLCFTNVYADSFVIRGDEVRQIAP
GQTGKIADYNYKLPDDFTGCVIAWNSNNLDSKVGGNYNYLYRLFRKSNLKPFERDISTEIYQAGSTPCNGVEGFNCYFPL
QSYGFQPTNGVGYQPYRVVVLSFELLHAPATVCGPKGSHHHHHH
;
A,B
2 'polypeptide(L)'
;QVQLQESGPGLVKPSETLSLTCTVSGGSISSYHWNWIRQPPGKGLEWIGYIYYSGNTNYNPSLKSRVSISTDTSKNQFSL
KLSSVTAADTAVYYCVREMRRGYSGYDYWDLYAFDIWGQGTMVTVSSASTKGPSVFPLAPSSKSTSGGTAALGCLVKDYF
PEPVTVSWNSGALTSGVHTFPAVLQSSGLYSLSSVVTVPSSSLGTQTYICNVNHKPSNTKVDKKVEPKSCGSHHHHHH
;
D,H
3 'polypeptide(L)'
;DIQLTQSPSFLSASVGDRVTITCRASQGISSYLAWYQQKPGKAPNLLIYAASTLQSGVPSRFSGSGSGTEFTLTISSLQP
EDFATYYCQQLNSYPHTFGQGTKLEIKRTVAAPSVFIFPPSDEQLKSGTASVVCLLNNFYPREAKVQWKVDNALQSGNSQ
ESVTEQDSKDSTYSLSSTLTLSKADYEKHKVYACEVTHQGLSSPVTKSFNRGEC
;
E,L
#
# COMPACT_ATOMS: atom_id res chain seq x y z
N ASN A 2 -32.90 47.91 50.66
CA ASN A 2 -33.80 46.70 50.75
C ASN A 2 -33.32 45.58 49.79
N LEU A 3 -32.76 44.50 50.32
CA LEU A 3 -32.04 43.43 49.54
C LEU A 3 -33.05 42.41 49.00
N CYS A 4 -32.97 42.08 47.72
CA CYS A 4 -33.84 41.05 47.09
C CYS A 4 -33.56 39.69 47.71
N PRO A 5 -34.59 38.85 47.96
CA PRO A 5 -34.41 37.53 48.59
C PRO A 5 -33.85 36.46 47.62
N PHE A 6 -32.59 36.60 47.18
CA PHE A 6 -31.94 35.67 46.24
C PHE A 6 -31.34 34.47 46.99
N GLY A 7 -30.82 34.71 48.21
CA GLY A 7 -30.36 33.65 49.14
C GLY A 7 -31.45 32.59 49.27
N GLU A 8 -32.71 33.01 49.42
CA GLU A 8 -33.86 32.08 49.61
C GLU A 8 -34.09 31.22 48.34
N VAL A 9 -33.81 31.73 47.14
CA VAL A 9 -33.95 30.91 45.89
C VAL A 9 -32.75 29.96 45.77
N PHE A 10 -31.53 30.50 45.84
CA PHE A 10 -30.29 29.78 45.50
C PHE A 10 -29.93 28.77 46.60
N ASN A 11 -30.23 29.06 47.85
CA ASN A 11 -29.68 28.33 49.03
C ASN A 11 -30.77 27.57 49.79
N ALA A 12 -31.90 27.26 49.13
CA ALA A 12 -33.03 26.46 49.65
C ALA A 12 -32.55 25.01 49.89
N THR A 13 -32.85 24.45 51.06
CA THR A 13 -32.51 23.05 51.42
C THR A 13 -33.05 22.10 50.35
N ARG A 14 -34.32 22.31 49.95
CA ARG A 14 -35.09 21.48 48.98
C ARG A 14 -35.31 22.30 47.70
N PHE A 15 -35.19 21.69 46.52
CA PHE A 15 -35.61 22.32 45.25
C PHE A 15 -36.78 21.50 44.70
N ALA A 16 -37.50 22.06 43.74
CA ALA A 16 -38.66 21.41 43.11
C ALA A 16 -38.20 20.33 42.12
N SER A 17 -39.04 19.30 41.96
CA SER A 17 -39.08 18.50 40.71
C SER A 17 -39.35 19.44 39.53
N VAL A 18 -38.71 19.19 38.39
CA VAL A 18 -38.74 20.08 37.21
C VAL A 18 -40.15 20.16 36.61
N TYR A 19 -40.95 19.08 36.61
CA TYR A 19 -42.35 19.13 36.09
C TYR A 19 -43.14 20.15 36.90
N ALA A 20 -42.84 20.26 38.19
CA ALA A 20 -43.51 21.16 39.18
C ALA A 20 -42.62 22.33 39.52
N TRP A 21 -41.95 22.90 38.52
CA TRP A 21 -40.88 23.87 38.79
C TRP A 21 -41.43 25.04 39.58
N ASN A 22 -40.63 25.53 40.48
CA ASN A 22 -40.97 26.63 41.40
C ASN A 22 -40.70 27.96 40.72
N ARG A 23 -41.53 28.97 40.97
CA ARG A 23 -41.30 30.36 40.54
C ARG A 23 -41.43 31.30 41.73
N LYS A 24 -40.51 32.23 41.87
CA LYS A 24 -40.57 33.28 42.91
C LYS A 24 -40.59 34.64 42.20
N ARG A 25 -41.67 35.38 42.40
CA ARG A 25 -41.87 36.75 41.89
C ARG A 25 -41.09 37.67 42.81
N ILE A 26 -40.21 38.48 42.23
CA ILE A 26 -39.32 39.38 42.99
C ILE A 26 -39.70 40.81 42.61
N SER A 27 -40.03 41.63 43.60
CA SER A 27 -40.34 43.06 43.39
C SER A 27 -39.87 43.89 44.59
N ASN A 28 -39.89 45.23 44.42
CA ASN A 28 -39.56 46.22 45.46
C ASN A 28 -38.37 45.73 46.30
N CYS A 29 -37.19 45.68 45.69
CA CYS A 29 -35.90 45.36 46.34
C CYS A 29 -34.73 45.72 45.42
N VAL A 30 -33.53 45.86 45.98
CA VAL A 30 -32.25 46.02 45.22
C VAL A 30 -31.51 44.70 45.29
N ALA A 31 -30.86 44.33 44.19
CA ALA A 31 -30.08 43.07 44.09
C ALA A 31 -28.75 43.35 43.41
N ASP A 32 -27.66 42.86 43.99
CA ASP A 32 -26.33 42.96 43.32
C ASP A 32 -26.07 41.65 42.57
N TYR A 33 -26.13 41.73 41.24
CA TYR A 33 -26.10 40.56 40.33
C TYR A 33 -24.66 40.19 39.97
N SER A 34 -23.76 41.18 39.79
CA SER A 34 -22.29 40.96 39.60
C SER A 34 -21.73 40.20 40.81
N VAL A 35 -22.20 40.53 42.01
CA VAL A 35 -21.86 39.84 43.30
C VAL A 35 -22.25 38.37 43.20
N LEU A 36 -23.46 38.09 42.69
CA LEU A 36 -24.02 36.73 42.45
C LEU A 36 -23.16 35.94 41.45
N TYR A 37 -22.68 36.56 40.35
CA TYR A 37 -21.87 35.95 39.25
C TYR A 37 -20.46 35.58 39.73
N ASN A 38 -19.88 36.35 40.67
CA ASN A 38 -18.46 36.23 41.12
C ASN A 38 -18.24 35.05 42.09
N SER A 39 -19.19 34.13 42.22
CA SER A 39 -18.98 32.78 42.83
C SER A 39 -18.26 31.83 41.86
N ALA A 40 -17.23 31.11 42.33
CA ALA A 40 -16.56 29.98 41.62
C ALA A 40 -17.48 28.73 41.51
N SER A 41 -18.73 28.81 41.93
CA SER A 41 -19.54 27.60 42.29
C SER A 41 -20.21 26.95 41.07
N PHE A 42 -20.39 27.69 39.97
CA PHE A 42 -21.39 27.32 38.92
C PHE A 42 -20.74 26.52 37.79
N SER A 43 -21.43 25.49 37.27
CA SER A 43 -21.15 24.88 35.94
C SER A 43 -21.60 25.84 34.83
N THR A 44 -22.67 26.61 35.06
CA THR A 44 -23.41 27.33 34.01
C THR A 44 -23.83 28.68 34.55
N PHE A 45 -23.50 29.75 33.83
CA PHE A 45 -23.97 31.10 34.16
C PHE A 45 -23.98 31.89 32.87
N LYS A 46 -25.13 31.87 32.20
CA LYS A 46 -25.23 32.54 30.89
C LYS A 46 -26.41 33.51 30.89
N CYS A 47 -26.29 34.58 30.14
CA CYS A 47 -27.36 35.59 30.02
C CYS A 47 -27.55 35.93 28.56
N TYR A 48 -28.83 35.91 28.19
CA TYR A 48 -29.35 36.27 26.87
C TYR A 48 -29.85 37.70 26.95
N GLY A 49 -29.34 38.60 26.12
CA GLY A 49 -29.88 39.96 25.93
C GLY A 49 -29.39 40.93 27.00
N VAL A 50 -28.96 40.46 28.15
CA VAL A 50 -28.41 41.27 29.28
C VAL A 50 -27.11 40.56 29.65
N SER A 51 -26.18 41.23 30.31
CA SER A 51 -24.81 40.67 30.58
C SER A 51 -24.65 40.50 32.08
N PRO A 52 -23.99 39.39 32.50
CA PRO A 52 -23.92 39.02 33.90
C PRO A 52 -23.10 40.05 34.68
N THR A 53 -22.04 40.53 34.00
CA THR A 53 -20.95 41.43 34.50
C THR A 53 -21.49 42.85 34.74
N LYS A 54 -22.19 43.38 33.73
CA LYS A 54 -22.71 44.76 33.69
C LYS A 54 -24.20 44.65 33.95
N LEU A 55 -24.58 43.79 34.91
CA LEU A 55 -26.01 43.44 35.18
C LEU A 55 -26.66 44.48 36.13
N ASN A 56 -25.88 45.47 36.60
CA ASN A 56 -26.18 46.19 37.87
C ASN A 56 -26.73 47.58 37.60
N ASP A 57 -27.11 47.92 36.38
CA ASP A 57 -27.42 49.33 36.05
C ASP A 57 -28.89 49.51 35.68
N LEU A 58 -29.70 48.45 35.54
CA LEU A 58 -31.08 48.63 35.03
C LEU A 58 -32.12 48.35 36.11
N CYS A 59 -33.30 48.92 35.94
CA CYS A 59 -34.50 48.57 36.72
C CYS A 59 -35.41 47.66 35.90
N PHE A 60 -36.38 47.01 36.54
CA PHE A 60 -37.44 46.19 35.91
C PHE A 60 -38.71 46.19 36.75
N THR A 61 -39.87 46.00 36.11
CA THR A 61 -41.18 45.87 36.81
C THR A 61 -41.11 44.63 37.73
N ASN A 62 -40.63 43.49 37.21
CA ASN A 62 -40.48 42.24 38.01
C ASN A 62 -39.24 41.47 37.54
N VAL A 63 -38.64 40.73 38.45
CA VAL A 63 -37.80 39.55 38.15
C VAL A 63 -38.53 38.29 38.60
N TYR A 64 -38.50 37.24 37.78
CA TYR A 64 -38.88 35.87 38.20
C TYR A 64 -37.66 34.99 38.30
N ALA A 65 -37.60 34.24 39.41
CA ALA A 65 -36.57 33.22 39.65
C ALA A 65 -37.24 31.85 39.64
N ASP A 66 -36.96 31.06 38.62
CA ASP A 66 -37.49 29.70 38.44
C ASP A 66 -36.43 28.71 38.87
N SER A 67 -36.81 27.68 39.63
CA SER A 67 -35.83 26.70 40.15
C SER A 67 -36.36 25.28 40.13
N PHE A 68 -35.44 24.34 40.04
CA PHE A 68 -35.71 22.91 39.79
C PHE A 68 -34.39 22.13 39.71
N VAL A 69 -34.54 20.81 39.74
CA VAL A 69 -33.42 19.85 39.64
C VAL A 69 -33.64 19.00 38.39
N ILE A 70 -32.55 18.82 37.62
CA ILE A 70 -32.43 17.89 36.47
C ILE A 70 -31.09 17.16 36.49
N ARG A 71 -30.95 16.14 35.62
CA ARG A 71 -29.67 15.44 35.28
C ARG A 71 -28.72 16.41 34.57
N GLY A 72 -27.41 16.27 34.78
CA GLY A 72 -26.34 17.09 34.17
C GLY A 72 -26.44 17.14 32.66
N ASP A 73 -26.68 15.98 32.05
CA ASP A 73 -26.86 15.77 30.59
C ASP A 73 -28.07 16.55 30.05
N GLU A 74 -28.90 17.18 30.88
CA GLU A 74 -30.11 17.89 30.41
C GLU A 74 -29.92 19.40 30.55
N VAL A 75 -28.90 19.86 31.27
CA VAL A 75 -28.74 21.33 31.46
C VAL A 75 -28.74 22.07 30.11
N ARG A 76 -28.15 21.47 29.06
CA ARG A 76 -28.13 21.95 27.67
C ARG A 76 -29.57 22.30 27.22
N GLN A 77 -30.58 21.60 27.72
CA GLN A 77 -32.00 21.77 27.27
C GLN A 77 -32.59 23.04 27.87
N ILE A 78 -31.96 23.66 28.87
CA ILE A 78 -32.45 24.94 29.45
C ILE A 78 -31.87 26.12 28.67
N ALA A 79 -32.43 26.36 27.50
CA ALA A 79 -32.01 27.45 26.59
C ALA A 79 -33.11 27.60 25.57
N PRO A 80 -33.19 28.75 24.94
CA PRO A 80 -34.15 28.94 23.86
C PRO A 80 -33.86 27.98 22.71
N GLY A 81 -34.92 27.43 22.08
CA GLY A 81 -34.92 26.61 20.85
C GLY A 81 -34.37 25.22 21.06
N GLN A 82 -34.37 24.67 22.28
CA GLN A 82 -33.92 23.29 22.51
C GLN A 82 -35.09 22.30 22.36
N THR A 83 -34.76 21.02 22.22
CA THR A 83 -35.73 19.90 22.20
C THR A 83 -35.24 18.81 23.14
N GLY A 84 -36.12 17.85 23.45
CA GLY A 84 -35.89 16.77 24.44
C GLY A 84 -37.01 16.75 25.47
N LYS A 85 -36.94 15.78 26.38
CA LYS A 85 -38.00 15.47 27.38
C LYS A 85 -38.17 16.70 28.28
N ILE A 86 -37.08 17.39 28.64
CA ILE A 86 -37.15 18.52 29.61
C ILE A 86 -37.74 19.72 28.88
N ALA A 87 -37.17 20.11 27.74
CA ALA A 87 -37.65 21.34 27.06
C ALA A 87 -39.08 21.14 26.51
N ASP A 88 -39.43 19.94 26.06
CA ASP A 88 -40.74 19.72 25.41
C ASP A 88 -41.84 19.50 26.46
N TYR A 89 -41.57 18.74 27.52
CA TYR A 89 -42.60 18.23 28.46
C TYR A 89 -42.49 18.77 29.89
N ASN A 90 -41.44 19.52 30.29
CA ASN A 90 -41.25 19.95 31.70
C ASN A 90 -41.03 21.46 31.87
N TYR A 91 -40.08 22.09 31.17
CA TYR A 91 -39.74 23.54 31.36
C TYR A 91 -39.23 24.06 30.02
N LYS A 92 -39.98 24.99 29.46
CA LYS A 92 -39.76 25.55 28.12
C LYS A 92 -39.46 27.04 28.28
N LEU A 93 -38.31 27.46 27.76
CA LEU A 93 -38.03 28.90 27.61
C LEU A 93 -38.54 29.34 26.25
N PRO A 94 -39.02 30.58 26.13
CA PRO A 94 -39.38 31.13 24.83
C PRO A 94 -38.14 31.41 23.96
N ASP A 95 -38.34 31.46 22.63
CA ASP A 95 -37.30 31.77 21.63
C ASP A 95 -36.62 33.10 21.98
N ASP A 96 -37.36 34.12 22.41
CA ASP A 96 -36.87 35.51 22.60
C ASP A 96 -36.49 35.76 24.08
N PHE A 97 -36.15 34.70 24.80
CA PHE A 97 -35.75 34.72 26.21
C PHE A 97 -34.70 35.80 26.46
N THR A 98 -35.00 36.69 27.42
CA THR A 98 -34.13 37.71 28.06
C THR A 98 -33.95 37.34 29.53
N GLY A 99 -32.75 36.90 29.90
CA GLY A 99 -32.44 36.51 31.28
C GLY A 99 -31.27 35.56 31.39
N CYS A 100 -31.12 34.91 32.53
CA CYS A 100 -29.90 34.17 32.90
C CYS A 100 -30.31 32.76 33.25
N VAL A 101 -29.48 31.81 32.89
CA VAL A 101 -29.58 30.39 33.31
C VAL A 101 -28.33 30.08 34.11
N ILE A 102 -28.53 29.62 35.33
CA ILE A 102 -27.47 29.33 36.32
C ILE A 102 -27.69 27.91 36.79
N ALA A 103 -26.67 27.07 36.67
CA ALA A 103 -26.75 25.67 37.12
C ALA A 103 -25.49 25.28 37.86
N TRP A 104 -25.64 24.32 38.76
CA TRP A 104 -24.50 23.76 39.54
C TRP A 104 -24.82 22.32 39.96
N ASN A 105 -23.76 21.53 40.10
CA ASN A 105 -23.76 20.11 40.52
C ASN A 105 -24.26 20.05 41.96
N SER A 106 -25.35 19.35 42.23
CA SER A 106 -25.92 19.31 43.60
C SER A 106 -25.79 17.89 44.17
N ASN A 107 -24.81 17.12 43.68
CA ASN A 107 -24.60 15.68 44.01
C ASN A 107 -24.50 15.49 45.53
N ASN A 108 -23.83 16.40 46.23
CA ASN A 108 -23.63 16.30 47.70
C ASN A 108 -24.96 16.46 48.44
N LEU A 109 -25.96 17.15 47.89
CA LEU A 109 -27.26 17.44 48.58
C LEU A 109 -28.38 16.51 48.08
N ASP A 110 -28.37 16.12 46.82
CA ASP A 110 -29.55 15.53 46.13
C ASP A 110 -29.29 14.06 45.78
N SER A 111 -28.11 13.54 46.07
CA SER A 111 -27.82 12.09 46.06
C SER A 111 -27.81 11.60 47.51
N LYS A 112 -28.10 10.31 47.65
CA LYS A 112 -27.91 9.55 48.90
C LYS A 112 -27.62 8.08 48.57
N VAL A 113 -27.04 7.37 49.53
CA VAL A 113 -26.84 5.90 49.50
C VAL A 113 -28.18 5.24 49.17
N GLY A 114 -28.18 4.42 48.11
CA GLY A 114 -29.33 3.65 47.61
C GLY A 114 -30.11 4.42 46.56
N GLY A 115 -29.64 5.63 46.22
CA GLY A 115 -30.28 6.49 45.22
C GLY A 115 -31.40 7.36 45.80
N ASN A 116 -31.46 8.64 45.39
CA ASN A 116 -32.59 9.56 45.69
C ASN A 116 -33.54 9.54 44.50
N TYR A 117 -34.78 9.09 44.74
CA TYR A 117 -35.77 8.82 43.69
C TYR A 117 -36.89 9.88 43.79
N ASN A 118 -36.71 10.93 44.63
CA ASN A 118 -37.77 11.94 44.95
C ASN A 118 -37.92 12.99 43.84
N TYR A 119 -36.90 13.20 43.00
CA TYR A 119 -36.92 14.16 41.87
C TYR A 119 -37.55 13.46 40.68
N LEU A 120 -38.63 14.07 40.15
CA LEU A 120 -39.46 13.51 39.05
C LEU A 120 -39.40 14.41 37.79
N TYR A 121 -39.69 13.82 36.64
CA TYR A 121 -39.89 14.54 35.36
C TYR A 121 -41.03 13.88 34.59
N ARG A 122 -41.65 14.64 33.72
CA ARG A 122 -42.69 14.16 32.79
C ARG A 122 -42.01 13.56 31.56
N LEU A 123 -42.31 12.28 31.29
CA LEU A 123 -41.76 11.52 30.16
C LEU A 123 -42.70 11.61 28.95
N PHE A 124 -44.03 11.65 29.17
CA PHE A 124 -45.05 11.61 28.08
C PHE A 124 -45.94 12.83 28.21
N ARG A 125 -46.41 13.35 27.08
CA ARG A 125 -47.42 14.43 27.04
C ARG A 125 -47.96 14.49 25.61
N LYS A 126 -49.21 14.94 25.46
CA LYS A 126 -49.98 14.84 24.19
C LYS A 126 -49.41 15.87 23.19
N SER A 127 -48.78 16.92 23.74
CA SER A 127 -48.19 18.04 22.98
C SER A 127 -47.17 18.77 23.89
N ASN A 128 -46.37 19.63 23.28
CA ASN A 128 -45.26 20.32 23.96
C ASN A 128 -45.85 21.42 24.86
N LEU A 129 -45.16 21.70 25.98
CA LEU A 129 -45.39 22.92 26.79
C LEU A 129 -45.21 24.15 25.93
N LYS A 130 -46.02 25.15 26.15
CA LYS A 130 -45.73 26.54 25.75
C LYS A 130 -44.66 27.06 26.69
N PRO A 131 -43.96 28.12 26.28
CA PRO A 131 -43.02 28.81 27.16
C PRO A 131 -43.61 29.10 28.54
N PHE A 132 -42.87 28.79 29.59
CA PHE A 132 -43.19 29.14 31.00
C PHE A 132 -44.54 28.48 31.40
N GLU A 133 -44.90 27.37 30.75
CA GLU A 133 -46.06 26.56 31.15
C GLU A 133 -45.60 25.58 32.22
N ARG A 134 -46.40 25.42 33.26
CA ARG A 134 -46.22 24.37 34.28
C ARG A 134 -47.42 23.42 34.17
N ASP A 135 -47.12 22.16 33.97
CA ASP A 135 -48.10 21.08 33.92
C ASP A 135 -47.81 20.14 35.07
N ILE A 136 -48.81 20.00 35.94
CA ILE A 136 -48.79 19.33 37.26
C ILE A 136 -49.75 18.12 37.24
N SER A 137 -50.36 17.82 36.09
CA SER A 137 -51.40 16.76 35.96
C SER A 137 -50.77 15.36 36.03
N THR A 138 -51.46 14.41 36.67
CA THR A 138 -50.98 13.02 36.91
C THR A 138 -51.95 12.02 36.24
N GLU A 139 -52.59 12.46 35.16
CA GLU A 139 -53.50 11.68 34.30
C GLU A 139 -52.69 10.63 33.55
N ILE A 140 -53.18 9.39 33.51
CA ILE A 140 -52.54 8.27 32.76
C ILE A 140 -52.50 8.63 31.28
N TYR A 141 -51.35 8.39 30.63
CA TYR A 141 -51.11 8.78 29.22
C TYR A 141 -51.54 7.64 28.29
N GLN A 142 -52.31 7.99 27.26
CA GLN A 142 -52.79 7.05 26.22
C GLN A 142 -51.80 7.06 25.04
N ALA A 143 -50.92 6.07 24.97
CA ALA A 143 -49.83 5.97 23.97
C ALA A 143 -50.33 5.27 22.69
N GLY A 144 -51.39 4.44 22.79
CA GLY A 144 -51.98 3.71 21.66
C GLY A 144 -53.42 4.11 21.43
N SER A 145 -54.01 3.67 20.31
CA SER A 145 -55.42 3.90 19.88
C SER A 145 -56.42 3.39 20.93
N THR A 146 -55.96 2.61 21.91
CA THR A 146 -56.80 1.95 22.97
C THR A 146 -56.91 2.90 24.17
N PRO A 147 -58.14 3.28 24.62
CA PRO A 147 -58.31 4.11 25.83
C PRO A 147 -57.82 3.46 27.13
N CYS A 148 -57.70 4.24 28.21
CA CYS A 148 -57.06 3.85 29.49
C CYS A 148 -58.11 3.80 30.62
N ASN A 149 -58.72 4.94 30.95
CA ASN A 149 -59.70 5.14 32.06
C ASN A 149 -59.02 4.92 33.43
N GLY A 150 -57.86 5.55 33.64
CA GLY A 150 -56.95 5.17 34.74
C GLY A 150 -56.29 3.83 34.47
N VAL A 151 -55.52 3.33 35.43
CA VAL A 151 -54.83 1.99 35.42
C VAL A 151 -53.64 2.03 34.46
N GLU A 152 -52.46 1.67 34.97
CA GLU A 152 -51.30 1.27 34.14
C GLU A 152 -51.68 0.00 33.36
N GLY A 153 -51.17 -0.10 32.14
CA GLY A 153 -51.30 -1.28 31.27
C GLY A 153 -50.58 -1.07 29.97
N PHE A 154 -50.86 -1.94 28.99
CA PHE A 154 -50.35 -1.83 27.60
C PHE A 154 -50.74 -0.47 27.01
N ASN A 155 -49.72 0.31 26.64
CA ASN A 155 -49.86 1.62 25.95
C ASN A 155 -50.77 2.54 26.78
N CYS A 156 -50.56 2.56 28.10
CA CYS A 156 -51.28 3.42 29.09
C CYS A 156 -50.40 3.63 30.33
N TYR A 157 -49.53 4.66 30.32
CA TYR A 157 -48.43 4.86 31.32
C TYR A 157 -48.76 5.99 32.29
N PHE A 158 -48.31 5.88 33.55
CA PHE A 158 -48.23 7.05 34.47
C PHE A 158 -47.24 8.02 33.84
N PRO A 159 -47.59 9.30 33.65
CA PRO A 159 -46.78 10.22 32.85
C PRO A 159 -45.49 10.73 33.51
N LEU A 160 -45.38 10.68 34.85
CA LEU A 160 -44.15 11.02 35.61
C LEU A 160 -43.29 9.78 35.84
N GLN A 161 -41.99 10.00 35.85
CA GLN A 161 -40.93 8.99 36.08
C GLN A 161 -39.88 9.67 36.95
N SER A 162 -39.19 8.93 37.81
CA SER A 162 -38.20 9.51 38.76
C SER A 162 -36.78 9.39 38.19
N TYR A 163 -35.91 10.40 38.44
CA TYR A 163 -34.45 10.27 38.30
C TYR A 163 -33.98 9.25 39.34
N GLY A 164 -32.85 8.58 39.11
CA GLY A 164 -32.21 7.71 40.11
C GLY A 164 -30.82 8.21 40.47
N PHE A 165 -30.71 9.19 41.39
CA PHE A 165 -29.43 9.87 41.73
C PHE A 165 -28.71 9.14 42.87
N GLN A 166 -27.71 8.33 42.52
CA GLN A 166 -26.75 7.74 43.50
C GLN A 166 -25.39 8.41 43.31
N PRO A 167 -24.60 8.54 44.40
CA PRO A 167 -23.31 9.26 44.35
C PRO A 167 -22.33 8.80 43.25
N THR A 168 -22.45 7.56 42.77
CA THR A 168 -21.44 6.88 41.89
C THR A 168 -21.72 7.11 40.39
N ASN A 169 -22.94 7.55 40.02
CA ASN A 169 -23.36 7.92 38.63
C ASN A 169 -22.28 8.77 37.93
N GLY A 170 -22.22 8.72 36.59
CA GLY A 170 -21.40 9.64 35.75
C GLY A 170 -21.96 11.07 35.83
N VAL A 171 -21.14 12.09 35.60
CA VAL A 171 -21.55 13.48 35.95
C VAL A 171 -22.77 13.94 35.13
N GLY A 172 -22.95 13.42 33.90
CA GLY A 172 -24.16 13.60 33.08
C GLY A 172 -25.42 12.97 33.69
N TYR A 173 -25.28 12.14 34.72
CA TYR A 173 -26.39 11.48 35.45
C TYR A 173 -26.47 12.01 36.89
N GLN A 174 -25.68 13.01 37.26
CA GLN A 174 -25.76 13.55 38.65
C GLN A 174 -26.77 14.68 38.65
N PRO A 175 -27.38 14.97 39.81
CA PRO A 175 -28.37 16.05 39.88
C PRO A 175 -27.66 17.42 39.74
N TYR A 176 -28.32 18.33 39.01
CA TYR A 176 -27.94 19.76 38.93
C TYR A 176 -29.12 20.60 39.38
N ARG A 177 -28.86 21.56 40.26
CA ARG A 177 -29.83 22.61 40.61
C ARG A 177 -29.71 23.71 39.54
N VAL A 178 -30.86 24.17 39.06
CA VAL A 178 -30.99 25.19 38.00
C VAL A 178 -31.82 26.33 38.55
N VAL A 179 -31.34 27.57 38.32
CA VAL A 179 -32.12 28.82 38.52
C VAL A 179 -32.17 29.58 37.22
N VAL A 180 -33.38 29.96 36.78
CA VAL A 180 -33.59 30.78 35.58
C VAL A 180 -34.11 32.11 36.07
N LEU A 181 -33.43 33.21 35.74
CA LEU A 181 -33.92 34.58 36.01
C LEU A 181 -34.50 35.16 34.71
N SER A 182 -35.73 35.66 34.79
CA SER A 182 -36.45 36.48 33.78
C SER A 182 -36.58 37.90 34.30
N PHE A 183 -36.43 38.88 33.42
CA PHE A 183 -36.54 40.33 33.69
C PHE A 183 -37.56 40.92 32.74
N GLU A 184 -38.65 41.49 33.28
CA GLU A 184 -39.86 41.94 32.53
C GLU A 184 -40.06 43.44 32.77
N LEU A 185 -40.27 44.24 31.71
CA LEU A 185 -40.74 45.66 31.79
C LEU A 185 -42.20 45.76 31.33
N LEU A 186 -43.10 46.18 32.22
CA LEU A 186 -44.48 46.65 31.87
C LEU A 186 -44.45 48.19 31.80
N HIS A 187 -45.34 48.80 31.01
CA HIS A 187 -45.65 50.26 31.10
C HIS A 187 -46.22 50.53 32.51
N ALA A 188 -45.37 50.51 33.54
CA ALA A 188 -45.74 50.42 34.98
C ALA A 188 -44.49 50.47 35.87
N PRO A 189 -44.58 51.03 37.10
CA PRO A 189 -43.42 51.20 38.00
C PRO A 189 -42.31 50.14 37.97
N ALA A 190 -41.06 50.56 37.74
CA ALA A 190 -39.82 49.75 37.77
C ALA A 190 -39.25 49.71 39.20
N THR A 191 -39.22 48.52 39.81
CA THR A 191 -39.11 48.31 41.28
C THR A 191 -37.92 47.39 41.63
N VAL A 192 -37.47 46.51 40.74
CA VAL A 192 -36.28 45.63 40.98
C VAL A 192 -35.10 46.23 40.21
N CYS A 193 -34.14 46.76 40.94
CA CYS A 193 -33.00 47.53 40.38
C CYS A 193 -31.72 46.88 40.89
N GLY A 194 -30.65 46.96 40.10
CA GLY A 194 -29.25 46.89 40.58
C GLY A 194 -28.89 48.20 41.28
N PRO A 195 -27.80 48.25 42.08
CA PRO A 195 -27.43 49.45 42.84
C PRO A 195 -27.45 50.78 42.06
N LYS A 196 -27.35 50.76 40.72
CA LYS A 196 -27.69 51.92 39.83
C LYS A 196 -29.07 51.68 39.19
N ASN B 2 48.44 -11.20 -44.88
CA ASN B 2 48.17 -12.55 -45.45
C ASN B 2 46.89 -13.15 -44.81
N LEU B 3 45.81 -13.31 -45.57
CA LEU B 3 44.48 -13.74 -45.03
C LEU B 3 44.42 -15.28 -44.90
N CYS B 4 43.93 -15.80 -43.75
CA CYS B 4 43.78 -17.26 -43.49
C CYS B 4 42.76 -17.87 -44.45
N PRO B 5 43.01 -19.09 -44.97
CA PRO B 5 42.11 -19.74 -45.94
C PRO B 5 40.88 -20.40 -45.28
N PHE B 6 40.00 -19.57 -44.71
CA PHE B 6 38.75 -20.00 -44.01
C PHE B 6 37.62 -20.18 -45.02
N GLY B 7 37.56 -19.36 -46.07
CA GLY B 7 36.61 -19.57 -47.18
C GLY B 7 36.70 -20.99 -47.68
N GLU B 8 37.92 -21.52 -47.81
CA GLU B 8 38.20 -22.89 -48.34
C GLU B 8 37.66 -23.97 -47.37
N VAL B 9 37.62 -23.70 -46.06
CA VAL B 9 37.00 -24.64 -45.08
C VAL B 9 35.48 -24.48 -45.12
N PHE B 10 34.98 -23.28 -44.85
CA PHE B 10 33.54 -23.01 -44.62
C PHE B 10 32.74 -23.18 -45.90
N ASN B 11 33.28 -22.80 -47.07
CA ASN B 11 32.49 -22.65 -48.34
C ASN B 11 32.88 -23.75 -49.33
N ALA B 12 33.50 -24.83 -48.89
CA ALA B 12 33.87 -26.00 -49.75
C ALA B 12 32.59 -26.60 -50.36
N THR B 13 32.62 -27.01 -51.63
CA THR B 13 31.43 -27.58 -52.32
C THR B 13 31.03 -28.87 -51.63
N ARG B 14 32.01 -29.69 -51.27
CA ARG B 14 31.85 -31.04 -50.70
C ARG B 14 32.49 -31.05 -49.29
N PHE B 15 31.84 -31.70 -48.32
CA PHE B 15 32.41 -31.91 -46.97
C PHE B 15 32.71 -33.40 -46.80
N ALA B 16 33.57 -33.73 -45.86
CA ALA B 16 33.93 -35.13 -45.50
C ALA B 16 32.75 -35.80 -44.76
N SER B 17 32.60 -37.11 -44.94
CA SER B 17 31.88 -37.98 -43.97
C SER B 17 32.52 -37.85 -42.59
N VAL B 18 31.72 -37.95 -41.53
CA VAL B 18 32.20 -37.71 -40.15
C VAL B 18 33.18 -38.81 -39.71
N TYR B 19 33.03 -40.04 -40.19
CA TYR B 19 33.96 -41.12 -39.75
C TYR B 19 35.36 -40.74 -40.25
N ALA B 20 35.42 -40.08 -41.40
CA ALA B 20 36.65 -39.71 -42.13
C ALA B 20 36.87 -38.20 -42.05
N TRP B 21 36.57 -37.62 -40.87
CA TRP B 21 36.50 -36.14 -40.75
C TRP B 21 37.80 -35.53 -41.27
N ASN B 22 37.65 -34.41 -41.94
CA ASN B 22 38.76 -33.66 -42.52
C ASN B 22 39.43 -32.83 -41.46
N ARG B 23 40.75 -32.68 -41.58
CA ARG B 23 41.47 -31.71 -40.74
C ARG B 23 42.34 -30.86 -41.64
N LYS B 24 42.24 -29.54 -41.52
CA LYS B 24 43.11 -28.60 -42.26
C LYS B 24 43.93 -27.84 -41.23
N ARG B 25 45.24 -27.85 -41.38
CA ARG B 25 46.13 -27.08 -40.49
C ARG B 25 46.16 -25.65 -41.03
N ILE B 26 46.00 -24.67 -40.15
CA ILE B 26 46.04 -23.22 -40.51
C ILE B 26 47.28 -22.61 -39.86
N SER B 27 48.14 -21.95 -40.65
CA SER B 27 49.38 -21.29 -40.14
C SER B 27 49.78 -20.08 -41.00
N ASN B 28 50.67 -19.25 -40.44
CA ASN B 28 51.26 -18.05 -41.09
C ASN B 28 50.16 -17.29 -41.84
N CYS B 29 49.12 -16.85 -41.14
CA CYS B 29 48.05 -16.01 -41.74
C CYS B 29 47.31 -15.21 -40.66
N VAL B 30 46.72 -14.09 -41.06
CA VAL B 30 45.83 -13.23 -40.22
C VAL B 30 44.39 -13.63 -40.53
N ALA B 31 43.55 -13.72 -39.50
CA ALA B 31 42.16 -14.20 -39.61
C ALA B 31 41.24 -13.31 -38.77
N ASP B 32 40.17 -12.79 -39.37
CA ASP B 32 39.17 -11.99 -38.61
C ASP B 32 38.03 -12.95 -38.22
N TYR B 33 37.95 -13.26 -36.93
CA TYR B 33 37.05 -14.29 -36.36
C TYR B 33 35.67 -13.71 -36.05
N SER B 34 35.57 -12.45 -35.59
CA SER B 34 34.28 -11.72 -35.43
C SER B 34 33.58 -11.55 -36.79
N VAL B 35 34.35 -11.33 -37.87
CA VAL B 35 33.86 -11.37 -39.29
C VAL B 35 33.27 -12.77 -39.58
N LEU B 36 33.95 -13.86 -39.19
CA LEU B 36 33.45 -15.27 -39.29
C LEU B 36 32.10 -15.45 -38.56
N TYR B 37 31.95 -14.85 -37.35
CA TYR B 37 30.77 -14.99 -36.42
C TYR B 37 29.54 -14.30 -36.97
N ASN B 38 29.77 -13.14 -37.57
CA ASN B 38 28.74 -12.39 -38.33
C ASN B 38 28.63 -13.01 -39.73
N SER B 39 28.00 -14.18 -39.79
CA SER B 39 27.27 -14.70 -40.97
C SER B 39 25.98 -15.36 -40.47
N ALA B 40 24.86 -14.62 -40.43
CA ALA B 40 23.55 -15.01 -39.83
C ALA B 40 23.10 -16.42 -40.28
N SER B 41 24.00 -17.22 -40.84
CA SER B 41 23.75 -18.56 -41.45
C SER B 41 23.61 -19.66 -40.38
N PHE B 42 24.19 -19.48 -39.19
CA PHE B 42 24.57 -20.64 -38.34
C PHE B 42 23.46 -20.99 -37.35
N SER B 43 23.18 -22.29 -37.25
CA SER B 43 22.48 -22.94 -36.11
C SER B 43 23.33 -22.90 -34.83
N THR B 44 24.66 -23.01 -34.96
CA THR B 44 25.58 -23.23 -33.81
C THR B 44 26.85 -22.40 -34.01
N PHE B 45 27.21 -21.60 -33.02
CA PHE B 45 28.49 -20.89 -32.96
C PHE B 45 28.86 -20.69 -31.49
N LYS B 46 29.68 -21.58 -30.96
CA LYS B 46 30.07 -21.52 -29.54
C LYS B 46 31.58 -21.69 -29.37
N CYS B 47 32.13 -21.03 -28.37
CA CYS B 47 33.57 -21.11 -28.10
C CYS B 47 33.80 -21.43 -26.63
N TYR B 48 34.65 -22.42 -26.37
CA TYR B 48 35.07 -22.83 -25.02
C TYR B 48 36.44 -22.19 -24.74
N GLY B 49 36.56 -21.37 -23.71
CA GLY B 49 37.83 -20.75 -23.30
C GLY B 49 38.12 -19.42 -23.99
N VAL B 50 37.51 -19.15 -25.13
CA VAL B 50 37.71 -17.92 -25.94
C VAL B 50 36.30 -17.44 -26.28
N SER B 51 36.08 -16.15 -26.54
CA SER B 51 34.77 -15.57 -26.95
C SER B 51 34.69 -15.39 -28.47
N PRO B 52 33.53 -15.72 -29.12
CA PRO B 52 33.39 -15.57 -30.56
C PRO B 52 33.41 -14.10 -31.02
N THR B 53 32.80 -13.21 -30.22
CA THR B 53 32.52 -11.78 -30.55
C THR B 53 33.79 -10.95 -30.30
N LYS B 54 34.47 -11.20 -29.17
CA LYS B 54 35.76 -10.55 -28.78
C LYS B 54 36.86 -11.56 -29.13
N LEU B 55 36.67 -12.30 -30.22
CA LEU B 55 37.65 -13.29 -30.70
C LEU B 55 38.87 -12.46 -31.12
N ASN B 56 39.65 -12.88 -32.13
CA ASN B 56 40.78 -12.09 -32.69
C ASN B 56 41.91 -12.00 -31.65
N ASP B 57 42.74 -10.95 -31.78
CA ASP B 57 43.52 -10.33 -30.69
C ASP B 57 44.65 -11.23 -30.18
N LEU B 58 44.56 -12.55 -30.39
CA LEU B 58 45.51 -13.56 -29.86
C LEU B 58 46.30 -14.18 -31.02
N CYS B 59 47.56 -14.53 -30.79
CA CYS B 59 48.34 -15.39 -31.73
C CYS B 59 48.34 -16.82 -31.23
N PHE B 60 48.65 -17.78 -32.12
CA PHE B 60 48.81 -19.22 -31.81
C PHE B 60 49.83 -19.87 -32.72
N THR B 61 50.46 -20.94 -32.21
CA THR B 61 51.43 -21.76 -32.98
C THR B 61 50.70 -22.36 -34.20
N ASN B 62 49.51 -22.97 -33.96
CA ASN B 62 48.74 -23.66 -35.02
C ASN B 62 47.26 -23.69 -34.63
N VAL B 63 46.41 -23.63 -35.67
CA VAL B 63 44.94 -23.75 -35.62
C VAL B 63 44.54 -24.94 -36.48
N TYR B 64 43.62 -25.76 -36.03
CA TYR B 64 43.06 -26.88 -36.83
C TYR B 64 41.60 -26.63 -37.05
N ALA B 65 41.18 -26.79 -38.31
CA ALA B 65 39.80 -26.68 -38.75
C ALA B 65 39.34 -28.08 -39.15
N ASP B 66 38.55 -28.70 -38.29
CA ASP B 66 37.99 -30.04 -38.55
C ASP B 66 36.59 -29.82 -39.13
N SER B 67 36.20 -30.60 -40.14
CA SER B 67 34.95 -30.36 -40.86
C SER B 67 34.38 -31.68 -41.33
N PHE B 68 33.05 -31.73 -41.31
CA PHE B 68 32.28 -32.96 -41.59
C PHE B 68 30.79 -32.65 -41.61
N VAL B 69 30.01 -33.63 -42.06
CA VAL B 69 28.54 -33.56 -42.06
C VAL B 69 27.99 -34.62 -41.09
N ILE B 70 27.01 -34.22 -40.29
CA ILE B 70 26.16 -35.07 -39.44
C ILE B 70 24.70 -34.60 -39.56
N ARG B 71 23.84 -35.35 -38.91
CA ARG B 71 22.37 -35.15 -38.79
C ARG B 71 22.19 -34.03 -37.77
N GLY B 72 21.18 -33.17 -37.95
CA GLY B 72 20.78 -32.11 -37.00
C GLY B 72 20.75 -32.61 -35.56
N ASP B 73 20.15 -33.77 -35.31
CA ASP B 73 19.88 -34.27 -33.92
C ASP B 73 21.17 -34.78 -33.29
N GLU B 74 22.30 -34.69 -34.01
CA GLU B 74 23.61 -35.16 -33.51
C GLU B 74 24.54 -33.97 -33.23
N VAL B 75 24.20 -32.76 -33.67
CA VAL B 75 25.09 -31.58 -33.50
C VAL B 75 25.43 -31.42 -32.01
N ARG B 76 24.50 -31.73 -31.11
CA ARG B 76 24.67 -31.59 -29.65
C ARG B 76 25.82 -32.48 -29.20
N GLN B 77 26.14 -33.51 -29.97
CA GLN B 77 27.22 -34.45 -29.62
C GLN B 77 28.60 -33.83 -29.83
N ILE B 78 28.72 -32.75 -30.63
CA ILE B 78 30.00 -32.03 -30.87
C ILE B 78 30.21 -31.04 -29.72
N ALA B 79 30.53 -31.58 -28.55
CA ALA B 79 30.85 -30.78 -27.36
C ALA B 79 31.70 -31.68 -26.51
N PRO B 80 32.49 -31.13 -25.56
CA PRO B 80 33.21 -31.95 -24.59
C PRO B 80 32.23 -32.75 -23.73
N GLY B 81 32.55 -34.01 -23.40
CA GLY B 81 31.84 -34.81 -22.40
C GLY B 81 30.54 -35.40 -22.92
N GLN B 82 30.31 -35.41 -24.22
CA GLN B 82 29.09 -36.02 -24.77
C GLN B 82 29.28 -37.52 -24.99
N THR B 83 28.16 -38.24 -25.13
CA THR B 83 28.09 -39.65 -25.55
C THR B 83 27.03 -39.78 -26.66
N GLY B 84 27.05 -40.93 -27.32
CA GLY B 84 26.28 -41.18 -28.55
C GLY B 84 27.19 -41.70 -29.64
N LYS B 85 26.59 -42.07 -30.77
CA LYS B 85 27.29 -42.81 -31.82
C LYS B 85 28.31 -41.86 -32.44
N ILE B 86 28.04 -40.54 -32.50
CA ILE B 86 29.02 -39.60 -33.12
C ILE B 86 30.19 -39.38 -32.17
N ALA B 87 29.92 -38.98 -30.94
CA ALA B 87 30.99 -38.70 -29.97
C ALA B 87 31.78 -40.00 -29.65
N ASP B 88 31.15 -41.15 -29.56
CA ASP B 88 31.82 -42.39 -29.10
C ASP B 88 32.62 -43.02 -30.25
N TYR B 89 32.10 -43.02 -31.48
CA TYR B 89 32.63 -43.87 -32.57
C TYR B 89 33.11 -43.10 -33.80
N ASN B 90 32.93 -41.76 -33.88
CA ASN B 90 33.21 -40.98 -35.10
C ASN B 90 34.12 -39.79 -34.86
N TYR B 91 33.76 -38.84 -33.95
CA TYR B 91 34.50 -37.61 -33.66
C TYR B 91 34.29 -37.24 -32.19
N LYS B 92 35.40 -37.07 -31.48
CA LYS B 92 35.41 -36.98 -30.01
C LYS B 92 36.24 -35.75 -29.64
N LEU B 93 35.65 -34.81 -28.93
CA LEU B 93 36.41 -33.66 -28.41
C LEU B 93 36.86 -34.07 -27.02
N PRO B 94 38.03 -33.61 -26.52
CA PRO B 94 38.42 -33.83 -25.14
C PRO B 94 37.64 -32.94 -24.15
N ASP B 95 37.65 -33.34 -22.88
CA ASP B 95 36.89 -32.74 -21.76
C ASP B 95 37.36 -31.28 -21.58
N ASP B 96 38.63 -30.98 -21.81
CA ASP B 96 39.24 -29.64 -21.69
C ASP B 96 39.33 -28.93 -23.04
N PHE B 97 38.49 -29.28 -24.00
CA PHE B 97 38.48 -28.60 -25.32
C PHE B 97 38.53 -27.07 -25.16
N THR B 98 39.50 -26.46 -25.83
CA THR B 98 39.63 -25.01 -26.14
C THR B 98 39.46 -24.78 -27.65
N GLY B 99 38.37 -24.12 -28.02
CA GLY B 99 38.07 -23.77 -29.42
C GLY B 99 36.60 -23.54 -29.66
N CYS B 100 36.19 -23.59 -30.91
CA CYS B 100 34.84 -23.17 -31.35
C CYS B 100 34.23 -24.31 -32.16
N VAL B 101 32.93 -24.49 -31.98
CA VAL B 101 32.08 -25.41 -32.77
C VAL B 101 31.07 -24.55 -33.52
N ILE B 102 31.05 -24.73 -34.84
CA ILE B 102 30.22 -23.95 -35.78
C ILE B 102 29.44 -24.93 -36.62
N ALA B 103 28.10 -24.80 -36.69
CA ALA B 103 27.28 -25.69 -37.53
C ALA B 103 26.19 -24.88 -38.23
N TRP B 104 25.81 -25.36 -39.41
CA TRP B 104 24.70 -24.78 -40.18
C TRP B 104 24.03 -25.87 -40.99
N ASN B 105 22.73 -25.70 -41.16
CA ASN B 105 21.83 -26.55 -41.99
C ASN B 105 22.34 -26.50 -43.42
N SER B 106 22.63 -27.66 -44.00
CA SER B 106 23.19 -27.69 -45.37
C SER B 106 22.21 -28.44 -46.27
N ASN B 107 20.92 -28.45 -45.92
CA ASN B 107 19.87 -29.22 -46.64
C ASN B 107 19.89 -28.89 -48.14
N ASN B 108 20.17 -27.64 -48.51
CA ASN B 108 20.15 -27.16 -49.92
C ASN B 108 21.23 -27.86 -50.77
N LEU B 109 22.38 -28.16 -50.17
CA LEU B 109 23.57 -28.69 -50.88
C LEU B 109 23.66 -30.22 -50.72
N ASP B 110 23.26 -30.77 -49.56
CA ASP B 110 23.59 -32.16 -49.14
C ASP B 110 22.36 -33.09 -49.22
N SER B 111 21.19 -32.57 -49.57
CA SER B 111 20.00 -33.40 -49.90
C SER B 111 19.81 -33.44 -51.42
N LYS B 112 19.20 -34.50 -51.91
CA LYS B 112 18.65 -34.54 -53.30
C LYS B 112 17.40 -35.41 -53.30
N VAL B 113 16.50 -35.20 -54.25
CA VAL B 113 15.19 -35.93 -54.30
C VAL B 113 15.52 -37.42 -54.53
N GLY B 114 14.95 -38.31 -53.70
CA GLY B 114 15.27 -39.75 -53.68
C GLY B 114 16.45 -40.06 -52.77
N GLY B 115 17.00 -39.05 -52.08
CA GLY B 115 17.95 -39.19 -50.96
C GLY B 115 19.41 -39.19 -51.39
N ASN B 116 20.27 -38.53 -50.58
CA ASN B 116 21.76 -38.53 -50.71
C ASN B 116 22.31 -39.50 -49.66
N TYR B 117 22.94 -40.58 -50.12
CA TYR B 117 23.43 -41.74 -49.33
C TYR B 117 24.96 -41.73 -49.26
N ASN B 118 25.59 -40.62 -49.65
CA ASN B 118 27.07 -40.47 -49.78
C ASN B 118 27.73 -40.09 -48.44
N TYR B 119 26.99 -39.50 -47.47
CA TYR B 119 27.53 -39.24 -46.10
C TYR B 119 27.42 -40.51 -45.22
N LEU B 120 28.54 -40.90 -44.59
CA LEU B 120 28.61 -42.13 -43.77
C LEU B 120 28.95 -41.79 -42.30
N TYR B 121 28.52 -42.63 -41.37
CA TYR B 121 29.00 -42.66 -39.97
C TYR B 121 29.33 -44.07 -39.55
N ARG B 122 30.18 -44.22 -38.54
CA ARG B 122 30.52 -45.51 -37.91
C ARG B 122 29.43 -45.79 -36.88
N LEU B 123 28.80 -46.96 -36.96
CA LEU B 123 27.68 -47.43 -36.11
C LEU B 123 28.23 -48.31 -34.99
N PHE B 124 29.22 -49.14 -35.29
CA PHE B 124 29.75 -50.14 -34.35
C PHE B 124 31.25 -49.95 -34.16
N ARG B 125 31.74 -50.18 -32.95
CA ARG B 125 33.21 -50.18 -32.66
C ARG B 125 33.41 -50.83 -31.31
N LYS B 126 34.59 -51.43 -31.12
CA LYS B 126 34.91 -52.26 -29.93
C LYS B 126 35.08 -51.34 -28.73
N SER B 127 35.47 -50.09 -28.96
CA SER B 127 35.72 -49.13 -27.88
C SER B 127 35.52 -47.70 -28.40
N ASN B 128 35.33 -46.77 -27.47
CA ASN B 128 35.22 -45.32 -27.75
C ASN B 128 36.53 -44.76 -28.35
N LEU B 129 36.39 -43.84 -29.29
CA LEU B 129 37.50 -43.01 -29.80
C LEU B 129 38.16 -42.29 -28.64
N LYS B 130 39.47 -42.07 -28.76
CA LYS B 130 40.17 -41.07 -27.93
C LYS B 130 39.90 -39.71 -28.56
N PRO B 131 40.13 -38.62 -27.82
CA PRO B 131 39.98 -37.29 -28.37
C PRO B 131 40.77 -37.05 -29.65
N PHE B 132 40.11 -36.61 -30.73
CA PHE B 132 40.75 -36.27 -32.02
C PHE B 132 41.34 -37.54 -32.66
N GLU B 133 40.77 -38.71 -32.36
CA GLU B 133 41.14 -39.96 -33.08
C GLU B 133 40.32 -40.04 -34.35
N ARG B 134 40.95 -40.54 -35.43
CA ARG B 134 40.25 -40.84 -36.69
C ARG B 134 40.37 -42.34 -36.95
N ASP B 135 39.24 -42.95 -37.22
CA ASP B 135 39.19 -44.37 -37.57
C ASP B 135 38.54 -44.47 -38.95
N ILE B 136 39.28 -44.87 -39.97
CA ILE B 136 38.70 -45.05 -41.34
C ILE B 136 38.71 -46.53 -41.73
N SER B 137 38.93 -47.43 -40.80
CA SER B 137 38.96 -48.89 -41.07
C SER B 137 37.57 -49.36 -41.40
N THR B 138 37.50 -50.43 -42.19
CA THR B 138 36.29 -51.01 -42.80
C THR B 138 36.23 -52.49 -42.39
N GLU B 139 36.83 -52.84 -41.24
CA GLU B 139 36.85 -54.23 -40.71
C GLU B 139 35.41 -54.64 -40.35
N ILE B 140 34.99 -55.84 -40.74
CA ILE B 140 33.67 -56.39 -40.32
C ILE B 140 33.68 -56.49 -38.79
N TYR B 141 32.63 -55.98 -38.16
CA TYR B 141 32.51 -55.91 -36.68
C TYR B 141 31.88 -57.19 -36.19
N GLN B 142 32.50 -57.80 -35.18
CA GLN B 142 32.02 -59.04 -34.52
C GLN B 142 31.18 -58.63 -33.30
N ALA B 143 29.86 -58.70 -33.42
CA ALA B 143 28.90 -58.34 -32.34
C ALA B 143 28.67 -59.55 -31.40
N GLY B 144 28.69 -60.78 -31.95
CA GLY B 144 28.44 -62.04 -31.22
C GLY B 144 29.71 -62.86 -31.08
N SER B 145 29.74 -63.82 -30.14
CA SER B 145 30.92 -64.65 -29.75
C SER B 145 31.46 -65.51 -30.91
N THR B 146 30.73 -65.58 -32.04
CA THR B 146 31.11 -66.35 -33.27
C THR B 146 31.98 -65.45 -34.15
N PRO B 147 33.22 -65.85 -34.51
CA PRO B 147 34.05 -65.05 -35.42
C PRO B 147 33.50 -65.04 -36.85
N CYS B 148 33.92 -64.03 -37.62
CA CYS B 148 33.79 -63.95 -39.10
C CYS B 148 35.21 -64.07 -39.65
N ASN B 149 35.37 -64.24 -40.96
CA ASN B 149 36.70 -64.20 -41.65
C ASN B 149 36.62 -63.10 -42.72
N GLY B 150 36.30 -61.88 -42.28
CA GLY B 150 36.07 -60.70 -43.14
C GLY B 150 34.74 -60.77 -43.90
N VAL B 151 33.81 -61.67 -43.52
CA VAL B 151 32.54 -61.91 -44.30
C VAL B 151 31.32 -61.37 -43.51
N GLU B 152 30.49 -60.54 -44.16
CA GLU B 152 29.21 -60.01 -43.61
C GLU B 152 28.25 -61.19 -43.40
N GLY B 153 27.46 -61.14 -42.33
CA GLY B 153 26.53 -62.22 -41.93
C GLY B 153 25.87 -61.92 -40.60
N PHE B 154 25.34 -62.94 -39.93
CA PHE B 154 24.63 -62.78 -38.64
C PHE B 154 25.64 -62.36 -37.56
N ASN B 155 25.38 -61.22 -36.91
CA ASN B 155 26.20 -60.65 -35.81
C ASN B 155 27.65 -60.48 -36.30
N CYS B 156 27.78 -60.01 -37.55
CA CYS B 156 29.05 -59.69 -38.26
C CYS B 156 28.76 -58.59 -39.31
N TYR B 157 28.83 -57.31 -38.90
CA TYR B 157 28.28 -56.15 -39.65
C TYR B 157 29.38 -55.33 -40.32
N PHE B 158 29.08 -54.76 -41.49
CA PHE B 158 29.90 -53.68 -42.10
C PHE B 158 29.76 -52.52 -41.14
N PRO B 159 30.85 -51.94 -40.57
CA PRO B 159 30.73 -51.02 -39.44
C PRO B 159 30.22 -49.60 -39.77
N LEU B 160 30.28 -49.22 -41.04
CA LEU B 160 29.79 -47.91 -41.54
C LEU B 160 28.37 -48.06 -42.08
N GLN B 161 27.59 -46.99 -41.92
CA GLN B 161 26.19 -46.90 -42.37
C GLN B 161 25.99 -45.52 -43.00
N SER B 162 25.08 -45.38 -43.96
CA SER B 162 24.84 -44.11 -44.68
C SER B 162 23.64 -43.39 -44.07
N TYR B 163 23.73 -42.07 -43.88
CA TYR B 163 22.57 -41.18 -43.64
C TYR B 163 21.73 -41.20 -44.93
N GLY B 164 20.42 -40.96 -44.79
CA GLY B 164 19.45 -40.83 -45.90
C GLY B 164 18.88 -39.42 -45.95
N PHE B 165 19.60 -38.49 -46.57
CA PHE B 165 19.23 -37.05 -46.62
C PHE B 165 18.32 -36.76 -47.84
N GLN B 166 17.02 -36.61 -47.56
CA GLN B 166 15.99 -36.14 -48.52
C GLN B 166 15.47 -34.78 -48.06
N PRO B 167 15.10 -33.89 -49.00
CA PRO B 167 14.63 -32.54 -48.65
C PRO B 167 13.53 -32.51 -47.56
N THR B 168 12.64 -33.50 -47.54
CA THR B 168 11.34 -33.48 -46.80
C THR B 168 11.49 -33.98 -45.36
N ASN B 169 12.59 -34.69 -45.04
CA ASN B 169 13.01 -35.09 -43.66
C ASN B 169 12.73 -33.99 -42.64
N GLY B 170 12.38 -34.36 -41.40
CA GLY B 170 12.37 -33.44 -40.23
C GLY B 170 13.77 -32.87 -39.98
N VAL B 171 13.87 -31.66 -39.43
CA VAL B 171 15.16 -30.91 -39.26
C VAL B 171 16.19 -31.74 -38.48
N GLY B 172 15.77 -32.57 -37.53
CA GLY B 172 16.63 -33.52 -36.77
C GLY B 172 17.33 -34.53 -37.67
N TYR B 173 16.82 -34.73 -38.89
CA TYR B 173 17.26 -35.73 -39.91
C TYR B 173 17.83 -34.99 -41.14
N GLN B 174 17.97 -33.66 -41.07
CA GLN B 174 18.59 -32.90 -42.18
C GLN B 174 20.09 -32.85 -41.96
N PRO B 175 20.89 -32.80 -43.06
CA PRO B 175 22.34 -32.68 -42.92
C PRO B 175 22.71 -31.29 -42.40
N TYR B 176 23.74 -31.27 -41.55
CA TYR B 176 24.42 -30.05 -41.05
C TYR B 176 25.92 -30.18 -41.32
N ARG B 177 26.49 -29.09 -41.81
CA ARG B 177 27.96 -28.94 -41.95
C ARG B 177 28.45 -28.40 -40.61
N VAL B 178 29.54 -28.98 -40.12
CA VAL B 178 30.19 -28.68 -38.83
C VAL B 178 31.63 -28.33 -39.11
N VAL B 179 32.10 -27.24 -38.53
CA VAL B 179 33.52 -26.88 -38.46
C VAL B 179 33.88 -26.79 -36.98
N VAL B 180 34.95 -27.47 -36.58
CA VAL B 180 35.49 -27.36 -35.21
C VAL B 180 36.87 -26.72 -35.34
N LEU B 181 37.07 -25.59 -34.70
CA LEU B 181 38.38 -24.89 -34.69
C LEU B 181 39.03 -25.13 -33.33
N SER B 182 40.31 -25.58 -33.32
CA SER B 182 41.20 -25.74 -32.14
C SER B 182 42.38 -24.78 -32.23
N PHE B 183 42.84 -24.25 -31.09
CA PHE B 183 43.97 -23.29 -30.99
C PHE B 183 44.95 -23.82 -29.95
N GLU B 184 46.26 -23.90 -30.26
CA GLU B 184 47.35 -24.41 -29.35
C GLU B 184 48.61 -23.52 -29.41
N THR B 191 52.01 -17.77 -35.06
CA THR B 191 51.98 -17.43 -36.51
C THR B 191 50.53 -17.18 -36.97
N VAL B 192 49.52 -17.75 -36.32
CA VAL B 192 48.09 -17.46 -36.65
C VAL B 192 47.56 -16.41 -35.66
N CYS B 193 47.32 -15.18 -36.13
CA CYS B 193 46.89 -14.04 -35.30
C CYS B 193 45.58 -13.45 -35.84
N GLY B 194 44.80 -12.83 -34.95
CA GLY B 194 43.73 -11.88 -35.32
C GLY B 194 44.34 -10.51 -35.55
N PRO B 195 43.60 -9.55 -36.16
CA PRO B 195 44.15 -8.22 -36.52
C PRO B 195 45.09 -7.58 -35.48
N LYS B 196 44.86 -7.84 -34.18
CA LYS B 196 45.77 -7.46 -33.05
C LYS B 196 46.58 -8.68 -32.61
N GLN C 1 23.15 -14.18 -6.94
CA GLN C 1 21.76 -13.73 -6.56
C GLN C 1 21.22 -12.79 -7.63
N VAL C 2 21.25 -13.20 -8.90
CA VAL C 2 20.58 -12.45 -10.01
C VAL C 2 19.08 -12.36 -9.72
N GLN C 3 18.55 -11.18 -9.94
CA GLN C 3 17.14 -10.83 -9.74
C GLN C 3 16.56 -10.31 -11.05
N LEU C 4 15.35 -10.77 -11.35
CA LEU C 4 14.61 -10.36 -12.58
C LEU C 4 13.31 -9.70 -12.14
N GLN C 5 12.92 -8.63 -12.81
CA GLN C 5 11.74 -7.81 -12.46
C GLN C 5 10.99 -7.49 -13.76
N GLU C 6 9.87 -8.18 -14.02
CA GLU C 6 8.98 -7.88 -15.16
C GLU C 6 8.31 -6.53 -14.88
N SER C 7 7.97 -5.78 -15.94
CA SER C 7 7.12 -4.57 -15.83
C SER C 7 6.51 -4.21 -17.18
N GLY C 8 5.46 -3.41 -17.14
CA GLY C 8 4.65 -3.02 -18.32
C GLY C 8 3.17 -3.23 -18.01
N PRO C 9 2.25 -2.73 -18.85
CA PRO C 9 0.85 -2.64 -18.48
C PRO C 9 0.22 -4.02 -18.22
N GLY C 10 -0.69 -4.07 -17.25
CA GLY C 10 -1.43 -5.27 -16.86
C GLY C 10 -2.75 -5.38 -17.63
N LEU C 11 -3.10 -4.37 -18.45
CA LEU C 11 -4.37 -4.31 -19.24
C LEU C 11 -4.01 -3.92 -20.68
N VAL C 12 -4.39 -4.75 -21.64
CA VAL C 12 -4.18 -4.49 -23.09
C VAL C 12 -5.50 -4.75 -23.82
N LYS C 13 -5.87 -3.87 -24.73
CA LYS C 13 -7.14 -4.00 -25.50
C LYS C 13 -6.93 -5.02 -26.58
N PRO C 14 -7.97 -5.78 -26.97
CA PRO C 14 -7.86 -6.76 -28.04
C PRO C 14 -7.42 -6.07 -29.34
N SER C 15 -6.48 -6.70 -30.09
CA SER C 15 -5.92 -6.21 -31.38
C SER C 15 -4.65 -5.40 -31.20
N GLU C 16 -4.45 -4.80 -30.03
CA GLU C 16 -3.23 -4.02 -29.66
C GLU C 16 -2.09 -4.95 -29.21
N THR C 17 -0.99 -4.36 -28.76
CA THR C 17 0.29 -5.06 -28.51
C THR C 17 0.55 -5.15 -26.99
N LEU C 18 0.75 -6.37 -26.49
CA LEU C 18 1.28 -6.63 -25.13
C LEU C 18 2.77 -6.30 -25.16
N SER C 19 3.26 -5.60 -24.14
CA SER C 19 4.64 -5.09 -24.12
C SER C 19 5.22 -5.25 -22.71
N LEU C 20 6.20 -6.14 -22.52
CA LEU C 20 6.80 -6.32 -21.18
C LEU C 20 8.32 -6.14 -21.31
N THR C 21 8.94 -5.65 -20.24
CA THR C 21 10.41 -5.58 -20.15
C THR C 21 10.81 -6.26 -18.83
N CYS C 22 11.91 -6.98 -18.91
CA CYS C 22 12.55 -7.66 -17.77
C CYS C 22 13.83 -6.87 -17.45
N THR C 23 13.97 -6.41 -16.22
CA THR C 23 15.14 -5.66 -15.74
C THR C 23 16.00 -6.63 -14.94
N VAL C 24 17.27 -6.78 -15.31
CA VAL C 24 18.15 -7.78 -14.67
C VAL C 24 19.04 -7.02 -13.71
N SER C 25 19.21 -7.52 -12.47
CA SER C 25 20.28 -6.99 -11.58
C SER C 25 21.12 -8.15 -11.00
N GLY C 26 22.39 -7.88 -10.70
CA GLY C 26 23.32 -8.86 -10.09
C GLY C 26 24.14 -9.64 -11.14
N GLY C 27 23.91 -9.38 -12.43
CA GLY C 27 24.53 -10.09 -13.55
C GLY C 27 24.26 -9.34 -14.83
N SER C 28 25.06 -9.59 -15.86
CA SER C 28 24.96 -8.95 -17.20
C SER C 28 24.09 -9.82 -18.11
N ILE C 29 23.26 -9.16 -18.89
CA ILE C 29 22.43 -9.75 -19.97
C ILE C 29 23.33 -10.63 -20.82
N SER C 30 24.57 -10.21 -21.11
CA SER C 30 25.41 -10.89 -22.14
C SER C 30 25.98 -12.21 -21.60
N SER C 31 25.94 -12.48 -20.29
CA SER C 31 26.47 -13.75 -19.68
C SER C 31 25.46 -14.91 -19.80
N TYR C 32 24.21 -14.64 -20.14
CA TYR C 32 23.13 -15.63 -20.00
C TYR C 32 22.26 -15.64 -21.25
N HIS C 33 21.41 -16.67 -21.27
CA HIS C 33 20.32 -16.87 -22.23
C HIS C 33 18.99 -16.72 -21.50
N TRP C 34 18.03 -16.07 -22.15
CA TRP C 34 16.81 -15.52 -21.51
C TRP C 34 15.59 -16.01 -22.26
N ASN C 35 14.50 -16.27 -21.54
CA ASN C 35 13.21 -16.68 -22.14
C ASN C 35 12.07 -15.89 -21.50
N TRP C 36 10.94 -15.86 -22.21
CA TRP C 36 9.59 -15.52 -21.73
C TRP C 36 8.74 -16.79 -21.64
N ILE C 37 8.04 -16.95 -20.54
CA ILE C 37 7.05 -18.03 -20.26
C ILE C 37 5.75 -17.36 -19.83
N ARG C 38 4.62 -17.95 -20.11
CA ARG C 38 3.33 -17.48 -19.54
C ARG C 38 2.54 -18.64 -18.97
N GLN C 39 1.59 -18.31 -18.12
CA GLN C 39 0.70 -19.30 -17.45
C GLN C 39 -0.69 -18.69 -17.41
N PRO C 40 -1.64 -19.08 -18.29
CA PRO C 40 -3.05 -18.65 -18.17
C PRO C 40 -3.61 -19.08 -16.81
N PRO C 41 -4.57 -18.32 -16.25
CA PRO C 41 -5.18 -18.65 -14.96
C PRO C 41 -5.59 -20.13 -14.87
N GLY C 42 -5.09 -20.84 -13.85
CA GLY C 42 -5.49 -22.22 -13.53
C GLY C 42 -4.94 -23.24 -14.52
N LYS C 43 -4.07 -22.83 -15.45
CA LYS C 43 -3.54 -23.72 -16.52
C LYS C 43 -2.03 -23.91 -16.32
N GLY C 44 -1.40 -24.53 -17.31
CA GLY C 44 0.02 -24.88 -17.28
C GLY C 44 0.89 -23.84 -17.97
N LEU C 45 2.17 -24.16 -18.08
CA LEU C 45 3.23 -23.24 -18.49
C LEU C 45 3.36 -23.36 -19.99
N GLU C 46 3.51 -22.22 -20.63
CA GLU C 46 3.66 -22.14 -22.10
C GLU C 46 4.91 -21.32 -22.40
N TRP C 47 5.88 -21.93 -23.07
CA TRP C 47 7.09 -21.18 -23.47
C TRP C 47 6.75 -20.24 -24.63
N ILE C 48 7.19 -18.99 -24.56
CA ILE C 48 6.93 -17.97 -25.61
C ILE C 48 8.14 -17.86 -26.53
N GLY C 49 9.33 -17.66 -25.95
CA GLY C 49 10.50 -17.39 -26.80
C GLY C 49 11.79 -17.21 -26.02
N TYR C 50 12.89 -17.33 -26.76
CA TYR C 50 14.30 -17.37 -26.30
C TYR C 50 15.07 -16.23 -26.96
N ILE C 51 15.99 -15.63 -26.23
CA ILE C 51 16.94 -14.69 -26.87
C ILE C 51 18.32 -14.81 -26.22
N TYR C 52 19.37 -14.68 -27.03
CA TYR C 52 20.78 -14.48 -26.62
C TYR C 52 21.23 -13.18 -27.27
N TYR C 53 22.00 -12.35 -26.57
CA TYR C 53 22.30 -10.93 -26.94
C TYR C 53 23.03 -10.74 -28.30
N SER C 54 23.55 -11.80 -28.90
N SER C 54 23.66 -11.80 -28.81
CA SER C 54 23.95 -11.82 -30.33
CA SER C 54 24.41 -11.84 -30.10
C SER C 54 22.76 -11.43 -31.22
C SER C 54 23.75 -12.86 -31.02
N GLY C 55 21.52 -11.50 -30.72
N GLY C 55 23.28 -13.96 -30.45
CA GLY C 55 20.30 -11.21 -31.49
CA GLY C 55 23.19 -15.27 -31.13
C GLY C 55 19.61 -12.47 -31.99
C GLY C 55 22.00 -15.39 -32.01
N ASN C 56 20.18 -13.64 -31.70
N ASN C 56 20.80 -15.29 -31.44
CA ASN C 56 19.59 -14.97 -32.02
CA ASN C 56 19.53 -15.32 -32.20
C ASN C 56 18.32 -15.21 -31.17
C ASN C 56 18.35 -15.32 -31.21
N THR C 57 17.18 -15.55 -31.80
CA THR C 57 15.89 -15.77 -31.11
C THR C 57 15.34 -17.10 -31.60
N ASN C 58 14.47 -17.69 -30.80
CA ASN C 58 13.65 -18.87 -31.15
C ASN C 58 12.31 -18.61 -30.50
N TYR C 59 11.24 -18.73 -31.27
CA TYR C 59 9.86 -18.37 -30.88
C TYR C 59 9.00 -19.63 -30.94
N ASN C 60 8.06 -19.73 -30.04
CA ASN C 60 7.04 -20.80 -30.06
C ASN C 60 6.27 -20.69 -31.37
N PRO C 61 6.22 -21.74 -32.23
CA PRO C 61 5.54 -21.65 -33.52
C PRO C 61 4.06 -21.28 -33.46
N SER C 62 3.33 -21.65 -32.40
CA SER C 62 1.93 -21.22 -32.15
C SER C 62 1.85 -19.68 -32.07
N LEU C 63 2.90 -19.00 -31.61
CA LEU C 63 2.90 -17.53 -31.36
C LEU C 63 3.74 -16.80 -32.41
N LYS C 64 4.70 -17.49 -33.04
CA LYS C 64 5.58 -16.93 -34.10
C LYS C 64 4.69 -16.18 -35.12
N SER C 65 5.18 -15.03 -35.58
CA SER C 65 4.44 -14.10 -36.47
C SER C 65 3.93 -12.95 -35.62
N ARG C 66 3.44 -13.25 -34.40
CA ARG C 66 2.91 -12.23 -33.44
C ARG C 66 4.00 -11.84 -32.42
N VAL C 67 5.05 -12.64 -32.30
CA VAL C 67 6.00 -12.49 -31.15
C VAL C 67 7.24 -11.76 -31.63
N SER C 68 7.80 -10.96 -30.75
CA SER C 68 9.11 -10.32 -30.94
C SER C 68 9.78 -10.24 -29.55
N ILE C 69 11.05 -10.57 -29.47
CA ILE C 69 11.88 -10.43 -28.24
C ILE C 69 13.16 -9.70 -28.61
N SER C 70 13.69 -8.87 -27.73
CA SER C 70 14.96 -8.11 -27.91
C SER C 70 15.66 -7.88 -26.56
N THR C 71 16.94 -7.56 -26.65
CA THR C 71 17.82 -7.22 -25.51
C THR C 71 18.26 -5.78 -25.71
N ASP C 72 18.51 -5.08 -24.62
CA ASP C 72 19.26 -3.79 -24.61
C ASP C 72 20.33 -3.94 -23.52
N THR C 73 21.57 -4.22 -23.93
CA THR C 73 22.68 -4.47 -22.99
C THR C 73 23.00 -3.20 -22.18
N SER C 74 22.80 -2.00 -22.74
CA SER C 74 23.16 -0.73 -22.06
C SER C 74 22.23 -0.47 -20.86
N LYS C 75 21.01 -1.02 -20.88
CA LYS C 75 20.01 -0.83 -19.79
C LYS C 75 19.91 -2.13 -18.96
N ASN C 76 20.58 -3.20 -19.40
CA ASN C 76 20.53 -4.55 -18.78
C ASN C 76 19.08 -5.05 -18.74
N GLN C 77 18.41 -4.98 -19.90
CA GLN C 77 17.01 -5.40 -20.06
C GLN C 77 16.86 -6.29 -21.29
N PHE C 78 15.79 -7.06 -21.28
CA PHE C 78 15.24 -7.69 -22.49
C PHE C 78 13.73 -7.53 -22.42
N SER C 79 13.09 -7.64 -23.57
CA SER C 79 11.71 -7.20 -23.79
C SER C 79 10.98 -8.26 -24.59
N LEU C 80 9.66 -8.21 -24.46
CA LEU C 80 8.71 -9.05 -25.20
C LEU C 80 7.67 -8.12 -25.81
N LYS C 81 7.33 -8.34 -27.07
CA LYS C 81 6.15 -7.75 -27.74
C LYS C 81 5.29 -8.89 -28.30
N LEU C 82 4.01 -8.89 -27.96
CA LEU C 82 3.03 -9.86 -28.51
C LEU C 82 1.91 -9.04 -29.18
N SER C 83 1.82 -9.16 -30.51
CA SER C 83 1.00 -8.32 -31.39
C SER C 83 -0.39 -8.95 -31.54
N SER C 84 -1.33 -8.11 -31.90
CA SER C 84 -2.79 -8.38 -32.08
C SER C 84 -3.31 -9.44 -31.10
N VAL C 85 -3.38 -9.07 -29.84
CA VAL C 85 -3.70 -10.04 -28.75
C VAL C 85 -5.21 -10.30 -28.72
N THR C 86 -5.60 -11.48 -28.23
CA THR C 86 -7.01 -11.84 -27.90
C THR C 86 -7.04 -12.27 -26.43
N ALA C 87 -8.24 -12.59 -25.92
CA ALA C 87 -8.49 -13.06 -24.54
C ALA C 87 -7.65 -14.32 -24.24
N ALA C 88 -7.30 -15.10 -25.28
CA ALA C 88 -6.40 -16.28 -25.19
C ALA C 88 -5.03 -15.85 -24.65
N ASP C 89 -4.64 -14.58 -24.77
CA ASP C 89 -3.29 -14.11 -24.35
C ASP C 89 -3.31 -13.61 -22.90
N THR C 90 -4.46 -13.63 -22.24
CA THR C 90 -4.58 -13.27 -20.81
C THR C 90 -3.74 -14.26 -20.01
N ALA C 91 -2.72 -13.82 -19.31
CA ALA C 91 -1.90 -14.79 -18.55
C ALA C 91 -1.01 -14.06 -17.56
N VAL C 92 -0.45 -14.80 -16.60
CA VAL C 92 0.74 -14.33 -15.86
C VAL C 92 1.98 -14.54 -16.77
N TYR C 93 2.79 -13.49 -16.96
CA TYR C 93 3.98 -13.50 -17.86
C TYR C 93 5.24 -13.46 -17.02
N TYR C 94 6.18 -14.34 -17.35
CA TYR C 94 7.43 -14.51 -16.57
C TYR C 94 8.60 -14.34 -17.51
N CYS C 95 9.58 -13.54 -17.08
CA CYS C 95 10.91 -13.57 -17.67
C CYS C 95 11.75 -14.55 -16.85
N VAL C 96 12.65 -15.29 -17.52
CA VAL C 96 13.52 -16.28 -16.82
C VAL C 96 14.91 -16.27 -17.39
N ARG C 97 15.83 -16.73 -16.55
CA ARG C 97 17.22 -16.94 -16.91
C ARG C 97 17.42 -18.44 -17.00
N GLU C 98 18.15 -18.87 -18.03
CA GLU C 98 18.62 -20.27 -18.15
C GLU C 98 19.87 -20.49 -17.30
N MET C 99 20.07 -21.71 -16.84
CA MET C 99 21.36 -22.13 -16.25
C MET C 99 22.50 -21.75 -17.22
N ARG C 100 23.61 -21.35 -16.61
CA ARG C 100 24.77 -20.77 -17.31
C ARG C 100 25.40 -21.87 -18.17
N ARG C 101 25.70 -21.55 -19.42
CA ARG C 101 26.46 -22.46 -20.34
C ARG C 101 27.98 -22.41 -20.09
N GLY C 102 28.65 -23.56 -20.26
CA GLY C 102 30.11 -23.75 -20.24
C GLY C 102 30.85 -23.11 -21.42
N TYR C 103 30.14 -22.45 -22.34
CA TYR C 103 30.74 -21.82 -23.54
C TYR C 103 30.05 -20.48 -23.74
N SER C 104 30.67 -19.58 -24.51
CA SER C 104 30.04 -18.37 -25.07
C SER C 104 29.48 -18.71 -26.46
N GLY C 105 28.52 -17.92 -26.88
CA GLY C 105 27.87 -18.09 -28.18
C GLY C 105 26.60 -18.87 -27.98
N TYR C 106 26.05 -19.36 -29.08
CA TYR C 106 24.67 -19.89 -29.15
C TYR C 106 24.73 -21.30 -29.76
N ASP C 107 23.66 -22.06 -29.52
CA ASP C 107 23.48 -23.43 -30.06
C ASP C 107 22.00 -23.76 -30.01
N TYR C 108 21.35 -23.77 -31.17
CA TYR C 108 19.93 -24.14 -31.35
C TYR C 108 19.70 -25.54 -30.78
N TRP C 109 20.73 -26.38 -30.80
CA TRP C 109 20.63 -27.83 -30.47
C TRP C 109 20.88 -28.10 -29.00
N ASP C 110 21.08 -27.06 -28.18
CA ASP C 110 21.41 -27.18 -26.73
C ASP C 110 20.43 -26.30 -25.93
N LEU C 111 19.70 -26.89 -24.99
CA LEU C 111 18.65 -26.15 -24.21
C LEU C 111 18.94 -26.39 -22.72
N TYR C 112 18.57 -25.43 -21.90
CA TYR C 112 18.89 -25.39 -20.45
C TYR C 112 17.62 -25.05 -19.67
N ALA C 113 17.61 -25.53 -18.44
CA ALA C 113 16.55 -25.33 -17.45
C ALA C 113 16.55 -23.86 -17.03
N PHE C 114 15.45 -23.40 -16.44
CA PHE C 114 15.26 -22.00 -16.03
C PHE C 114 15.49 -21.91 -14.53
N ASP C 115 16.63 -21.38 -14.11
CA ASP C 115 17.05 -21.39 -12.69
C ASP C 115 16.59 -20.12 -11.99
N ILE C 116 16.23 -19.04 -12.68
CA ILE C 116 15.75 -17.81 -12.01
C ILE C 116 14.58 -17.26 -12.78
N TRP C 117 13.49 -16.93 -12.08
CA TRP C 117 12.25 -16.39 -12.64
C TRP C 117 11.97 -15.05 -12.01
N GLY C 118 11.43 -14.12 -12.77
CA GLY C 118 10.81 -12.93 -12.17
C GLY C 118 9.56 -13.33 -11.39
N GLN C 119 8.95 -12.36 -10.72
CA GLN C 119 7.79 -12.58 -9.80
C GLN C 119 6.58 -12.97 -10.66
N GLY C 120 6.54 -12.52 -11.91
CA GLY C 120 5.40 -12.75 -12.82
C GLY C 120 4.50 -11.53 -12.88
N THR C 121 4.01 -11.17 -14.04
CA THR C 121 3.09 -10.02 -14.14
C THR C 121 1.80 -10.47 -14.87
N MET C 122 0.66 -10.19 -14.25
CA MET C 122 -0.69 -10.50 -14.79
C MET C 122 -0.94 -9.54 -15.97
N VAL C 123 -1.22 -10.09 -17.15
CA VAL C 123 -1.70 -9.23 -18.27
C VAL C 123 -3.11 -9.70 -18.64
N THR C 124 -4.07 -8.78 -18.61
CA THR C 124 -5.45 -9.09 -19.01
C THR C 124 -5.73 -8.44 -20.37
N VAL C 125 -6.29 -9.21 -21.31
CA VAL C 125 -6.76 -8.64 -22.59
C VAL C 125 -8.27 -8.46 -22.47
N SER C 126 -8.75 -7.23 -22.56
CA SER C 126 -10.17 -6.83 -22.33
C SER C 126 -10.35 -5.44 -22.91
N SER C 127 -11.56 -5.09 -23.32
CA SER C 127 -11.78 -3.72 -23.88
C SER C 127 -12.34 -2.84 -22.75
N ALA C 128 -12.56 -3.43 -21.59
CA ALA C 128 -13.11 -2.76 -20.39
C ALA C 128 -12.03 -1.87 -19.79
N SER C 129 -12.49 -0.89 -19.04
CA SER C 129 -11.67 0.19 -18.46
C SER C 129 -11.24 -0.21 -17.04
N THR C 130 -10.12 0.32 -16.62
CA THR C 130 -9.59 0.19 -15.26
C THR C 130 -10.64 0.71 -14.29
N LYS C 131 -10.85 0.01 -13.19
CA LYS C 131 -11.76 0.50 -12.14
C LYS C 131 -11.17 0.13 -10.78
N GLY C 132 -11.06 1.12 -9.90
CA GLY C 132 -10.55 0.92 -8.53
C GLY C 132 -11.60 0.29 -7.65
N PRO C 133 -11.19 -0.42 -6.60
CA PRO C 133 -12.13 -1.13 -5.75
C PRO C 133 -12.83 -0.22 -4.74
N SER C 134 -13.94 -0.68 -4.20
CA SER C 134 -14.59 -0.13 -2.98
C SER C 134 -14.28 -1.12 -1.86
N VAL C 135 -13.97 -0.64 -0.68
CA VAL C 135 -13.50 -1.46 0.45
C VAL C 135 -14.47 -1.26 1.62
N PHE C 136 -14.98 -2.35 2.17
CA PHE C 136 -15.99 -2.33 3.24
C PHE C 136 -15.48 -3.16 4.42
N PRO C 137 -15.73 -2.73 5.68
CA PRO C 137 -15.38 -3.54 6.84
C PRO C 137 -16.25 -4.80 6.97
N LEU C 138 -15.63 -5.89 7.40
CA LEU C 138 -16.33 -7.11 7.88
C LEU C 138 -16.10 -7.12 9.39
N ALA C 139 -17.08 -6.60 10.12
CA ALA C 139 -16.91 -6.36 11.56
C ALA C 139 -17.38 -7.61 12.28
N PRO C 140 -16.60 -8.07 13.30
CA PRO C 140 -16.93 -9.25 14.12
C PRO C 140 -18.38 -9.77 14.16
N GLY C 148 -13.44 -17.59 22.39
CA GLY C 148 -12.44 -16.51 22.52
C GLY C 148 -11.67 -16.23 21.22
N THR C 149 -12.07 -16.77 20.07
CA THR C 149 -11.48 -16.35 18.77
C THR C 149 -12.48 -15.44 18.06
N ALA C 150 -12.04 -14.32 17.49
CA ALA C 150 -12.92 -13.44 16.69
C ALA C 150 -12.39 -13.33 15.27
N ALA C 151 -13.29 -13.11 14.31
CA ALA C 151 -12.95 -12.96 12.88
C ALA C 151 -13.25 -11.52 12.47
N LEU C 152 -12.37 -10.89 11.71
CA LEU C 152 -12.76 -9.62 11.07
C LEU C 152 -12.18 -9.64 9.68
N GLY C 153 -12.52 -8.66 8.86
CA GLY C 153 -11.94 -8.61 7.51
C GLY C 153 -12.31 -7.35 6.77
N CYS C 154 -12.00 -7.37 5.48
CA CYS C 154 -12.28 -6.30 4.52
C CYS C 154 -12.76 -6.96 3.24
N LEU C 155 -13.85 -6.43 2.73
CA LEU C 155 -14.45 -6.84 1.44
C LEU C 155 -13.92 -5.83 0.43
N VAL C 156 -13.33 -6.34 -0.64
CA VAL C 156 -12.70 -5.52 -1.68
C VAL C 156 -13.51 -5.78 -2.95
N LYS C 157 -14.22 -4.79 -3.43
CA LYS C 157 -15.34 -5.06 -4.34
C LYS C 157 -15.20 -4.21 -5.61
N ASP C 158 -15.62 -4.79 -6.74
CA ASP C 158 -15.91 -4.08 -8.02
C ASP C 158 -14.63 -3.43 -8.56
N TYR C 159 -13.55 -4.22 -8.73
CA TYR C 159 -12.28 -3.69 -9.31
C TYR C 159 -11.99 -4.46 -10.59
N PHE C 160 -11.22 -3.83 -11.45
CA PHE C 160 -10.71 -4.44 -12.71
C PHE C 160 -9.48 -3.65 -13.14
N PRO C 161 -8.46 -4.31 -13.72
CA PRO C 161 -8.36 -5.77 -13.72
C PRO C 161 -7.69 -6.24 -12.43
N GLU C 162 -7.40 -7.52 -12.39
CA GLU C 162 -6.50 -8.17 -11.39
C GLU C 162 -5.09 -7.62 -11.61
N PRO C 163 -4.21 -7.53 -10.58
CA PRO C 163 -4.50 -7.98 -9.23
C PRO C 163 -4.75 -6.86 -8.23
N VAL C 164 -5.15 -7.24 -7.03
CA VAL C 164 -5.26 -6.32 -5.87
C VAL C 164 -4.36 -6.90 -4.77
N THR C 165 -3.68 -6.08 -3.96
CA THR C 165 -2.96 -6.65 -2.80
C THR C 165 -3.62 -6.17 -1.49
N VAL C 166 -3.64 -7.04 -0.51
CA VAL C 166 -4.20 -6.72 0.83
C VAL C 166 -3.13 -7.06 1.84
N SER C 167 -2.92 -6.20 2.81
CA SER C 167 -2.06 -6.49 3.97
C SER C 167 -2.83 -5.97 5.18
N TRP C 168 -2.43 -6.42 6.36
CA TRP C 168 -2.98 -6.00 7.67
C TRP C 168 -1.90 -5.27 8.48
N ASN C 169 -2.27 -4.09 8.99
CA ASN C 169 -1.39 -3.26 9.84
C ASN C 169 -0.04 -3.12 9.13
N SER C 170 -0.06 -2.61 7.90
CA SER C 170 1.12 -2.42 7.01
C SER C 170 2.09 -3.60 7.06
N GLY C 171 1.59 -4.84 7.14
CA GLY C 171 2.41 -6.05 7.03
C GLY C 171 2.84 -6.58 8.39
N ALA C 172 2.46 -5.93 9.49
CA ALA C 172 2.83 -6.34 10.86
C ALA C 172 1.94 -7.50 11.34
N LEU C 173 0.70 -7.64 10.83
CA LEU C 173 -0.17 -8.80 11.16
C LEU C 173 -0.26 -9.76 9.96
N THR C 174 0.35 -10.94 10.06
CA THR C 174 0.32 -11.96 8.98
C THR C 174 -0.29 -13.30 9.45
N SER C 175 -0.28 -13.58 10.75
CA SER C 175 -0.74 -14.91 11.26
C SER C 175 -2.28 -14.90 11.40
N GLY C 176 -2.91 -15.93 10.86
CA GLY C 176 -4.37 -16.10 10.80
C GLY C 176 -5.02 -15.25 9.72
N VAL C 177 -4.25 -14.70 8.77
CA VAL C 177 -4.76 -13.90 7.62
C VAL C 177 -5.14 -14.83 6.47
N HIS C 178 -6.34 -14.66 5.91
CA HIS C 178 -6.70 -15.42 4.69
C HIS C 178 -7.27 -14.41 3.69
N THR C 179 -6.57 -14.27 2.59
CA THR C 179 -6.99 -13.40 1.48
C THR C 179 -7.44 -14.36 0.38
N PHE C 180 -8.75 -14.41 0.14
CA PHE C 180 -9.41 -15.33 -0.81
C PHE C 180 -9.00 -14.95 -2.22
N PRO C 181 -8.91 -15.94 -3.14
CA PRO C 181 -8.86 -15.67 -4.57
C PRO C 181 -10.09 -14.84 -4.93
N ALA C 182 -9.92 -13.90 -5.84
CA ALA C 182 -11.00 -13.04 -6.36
C ALA C 182 -11.97 -13.90 -7.15
N VAL C 183 -13.18 -13.40 -7.25
CA VAL C 183 -14.21 -14.03 -8.10
C VAL C 183 -14.64 -13.00 -9.13
N LEU C 184 -14.62 -13.42 -10.38
CA LEU C 184 -15.19 -12.64 -11.50
C LEU C 184 -16.72 -12.63 -11.40
N GLN C 185 -17.31 -11.46 -11.22
CA GLN C 185 -18.78 -11.25 -11.21
C GLN C 185 -19.26 -11.34 -12.64
N SER C 186 -20.57 -11.51 -12.83
CA SER C 186 -21.22 -11.48 -14.16
C SER C 186 -21.02 -10.09 -14.82
N SER C 187 -21.07 -9.01 -14.00
CA SER C 187 -20.66 -7.62 -14.34
C SER C 187 -19.26 -7.56 -14.98
N GLY C 188 -18.39 -8.56 -14.78
CA GLY C 188 -17.02 -8.56 -15.35
C GLY C 188 -15.99 -7.85 -14.45
N LEU C 189 -16.42 -7.28 -13.32
CA LEU C 189 -15.53 -6.82 -12.24
C LEU C 189 -15.23 -7.98 -11.28
N TYR C 190 -14.13 -7.85 -10.53
CA TYR C 190 -13.70 -8.81 -9.49
C TYR C 190 -14.10 -8.34 -8.09
N SER C 191 -14.18 -9.29 -7.17
CA SER C 191 -14.36 -9.04 -5.72
C SER C 191 -13.61 -10.10 -4.94
N LEU C 192 -13.25 -9.76 -3.72
CA LEU C 192 -12.70 -10.75 -2.78
C LEU C 192 -12.84 -10.19 -1.38
N SER C 193 -12.60 -11.08 -0.43
CA SER C 193 -12.54 -10.81 1.00
C SER C 193 -11.15 -11.13 1.50
N SER C 194 -10.67 -10.35 2.45
CA SER C 194 -9.49 -10.69 3.27
C SER C 194 -9.94 -10.68 4.73
N VAL C 195 -9.50 -11.70 5.43
CA VAL C 195 -10.06 -12.03 6.75
C VAL C 195 -8.89 -12.35 7.66
N VAL C 196 -9.03 -12.05 8.93
CA VAL C 196 -7.99 -12.41 9.92
C VAL C 196 -8.73 -12.86 11.16
N THR C 197 -8.23 -13.90 11.81
CA THR C 197 -8.68 -14.33 13.14
C THR C 197 -7.70 -13.85 14.21
N VAL C 198 -8.23 -13.40 15.34
CA VAL C 198 -7.45 -12.80 16.45
C VAL C 198 -8.19 -13.13 17.75
N PRO C 199 -7.44 -13.16 18.87
CA PRO C 199 -8.07 -13.33 20.19
C PRO C 199 -9.18 -12.29 20.39
N SER C 200 -10.35 -12.72 20.90
CA SER C 200 -11.46 -11.82 21.33
C SER C 200 -10.98 -10.82 22.39
N SER C 201 -10.06 -11.21 23.26
CA SER C 201 -9.47 -10.36 24.34
C SER C 201 -8.61 -9.22 23.74
N SER C 202 -8.16 -9.31 22.49
CA SER C 202 -7.35 -8.27 21.82
C SER C 202 -8.23 -7.19 21.18
N LEU C 203 -9.56 -7.32 21.18
CA LEU C 203 -10.48 -6.49 20.36
C LEU C 203 -10.56 -5.05 20.88
N GLY C 204 -10.58 -4.85 22.19
CA GLY C 204 -10.70 -3.52 22.83
C GLY C 204 -9.37 -2.78 22.88
N THR C 205 -8.26 -3.49 22.66
CA THR C 205 -6.88 -2.99 22.86
C THR C 205 -6.19 -2.72 21.49
N GLN C 206 -6.08 -3.75 20.65
CA GLN C 206 -5.23 -3.73 19.42
C GLN C 206 -6.06 -3.18 18.24
N THR C 207 -5.43 -2.47 17.30
CA THR C 207 -6.17 -1.91 16.14
C THR C 207 -5.88 -2.72 14.88
N TYR C 208 -6.90 -2.86 14.07
CA TYR C 208 -6.85 -3.68 12.82
C TYR C 208 -7.19 -2.83 11.63
N ILE C 209 -6.25 -2.75 10.72
CA ILE C 209 -6.37 -1.88 9.53
C ILE C 209 -6.08 -2.79 8.35
N CYS C 210 -6.96 -2.86 7.38
CA CYS C 210 -6.59 -3.50 6.10
C CYS C 210 -6.06 -2.42 5.16
N ASN C 211 -4.90 -2.72 4.55
CA ASN C 211 -4.24 -1.92 3.50
C ASN C 211 -4.55 -2.54 2.15
N VAL C 212 -5.30 -1.83 1.32
CA VAL C 212 -5.67 -2.34 -0.03
C VAL C 212 -4.92 -1.49 -1.04
N ASN C 213 -4.26 -2.12 -1.98
CA ASN C 213 -3.60 -1.46 -3.12
C ASN C 213 -4.12 -2.09 -4.39
N HIS C 214 -4.56 -1.27 -5.33
CA HIS C 214 -4.90 -1.70 -6.70
C HIS C 214 -4.02 -0.87 -7.63
N LYS C 215 -2.79 -1.36 -7.91
CA LYS C 215 -1.77 -0.70 -8.73
C LYS C 215 -2.37 -0.20 -10.04
N PRO C 216 -3.18 -1.00 -10.77
CA PRO C 216 -3.72 -0.56 -12.06
C PRO C 216 -4.49 0.75 -12.06
N SER C 217 -5.17 1.09 -10.96
CA SER C 217 -5.96 2.33 -10.79
C SER C 217 -5.25 3.33 -9.87
N ASN C 218 -4.09 2.97 -9.30
CA ASN C 218 -3.38 3.66 -8.18
C ASN C 218 -4.34 3.99 -7.05
N THR C 219 -5.29 3.10 -6.77
CA THR C 219 -6.16 3.16 -5.59
C THR C 219 -5.40 2.58 -4.40
N LYS C 220 -5.29 3.36 -3.34
CA LYS C 220 -4.81 2.90 -2.02
C LYS C 220 -5.94 3.19 -1.05
N VAL C 221 -6.28 2.21 -0.24
CA VAL C 221 -7.23 2.40 0.89
C VAL C 221 -6.63 1.73 2.12
N ASP C 222 -6.64 2.45 3.24
CA ASP C 222 -6.36 1.95 4.59
C ASP C 222 -7.66 2.17 5.35
N LYS C 223 -8.27 1.07 5.78
CA LYS C 223 -9.61 1.03 6.40
C LYS C 223 -9.47 0.35 7.75
N LYS C 224 -9.89 1.05 8.81
CA LYS C 224 -9.81 0.56 10.20
C LYS C 224 -11.02 -0.33 10.44
N VAL C 225 -10.84 -1.53 10.98
CA VAL C 225 -11.99 -2.44 11.18
C VAL C 225 -12.31 -2.47 12.67
N GLU C 226 -13.45 -1.88 13.03
CA GLU C 226 -13.90 -1.62 14.43
C GLU C 226 -14.97 -2.65 14.84
N PRO C 227 -14.95 -3.15 16.11
CA PRO C 227 -16.07 -3.94 16.65
C PRO C 227 -17.40 -3.17 16.45
N LYS C 228 -18.47 -3.88 16.10
CA LYS C 228 -19.79 -3.27 15.82
C LYS C 228 -20.68 -3.37 17.07
N ASP D 1 7.27 -31.13 -32.22
CA ASP D 1 6.93 -30.92 -30.78
C ASP D 1 7.12 -32.22 -29.98
N ILE D 2 7.60 -32.09 -28.73
CA ILE D 2 7.72 -33.20 -27.75
C ILE D 2 6.65 -33.00 -26.68
N GLN D 3 5.82 -34.02 -26.51
CA GLN D 3 4.70 -34.01 -25.54
C GLN D 3 5.22 -34.70 -24.28
N LEU D 4 4.83 -34.15 -23.13
CA LEU D 4 5.15 -34.66 -21.79
C LEU D 4 3.84 -34.86 -21.07
N THR D 5 3.62 -36.04 -20.51
CA THR D 5 2.43 -36.28 -19.69
C THR D 5 2.93 -36.78 -18.35
N GLN D 6 2.33 -36.27 -17.30
CA GLN D 6 2.68 -36.61 -15.91
C GLN D 6 1.52 -37.41 -15.35
N SER D 7 1.85 -38.11 -14.28
CA SER D 7 0.96 -38.98 -13.50
C SER D 7 1.45 -39.00 -12.06
N PRO D 8 0.55 -38.90 -11.06
CA PRO D 8 -0.84 -38.55 -11.30
C PRO D 8 -0.99 -37.04 -11.62
N SER D 9 -2.23 -36.63 -11.89
CA SER D 9 -2.68 -35.23 -12.10
C SER D 9 -2.91 -34.57 -10.75
N PHE D 10 -3.45 -35.37 -9.83
CA PHE D 10 -3.79 -34.92 -8.48
C PHE D 10 -3.60 -36.08 -7.53
N LEU D 11 -3.01 -35.79 -6.39
CA LEU D 11 -2.71 -36.80 -5.37
C LEU D 11 -2.77 -36.08 -4.03
N SER D 12 -3.46 -36.65 -3.06
CA SER D 12 -3.20 -36.32 -1.64
C SER D 12 -2.37 -37.47 -1.07
N ALA D 13 -1.41 -37.14 -0.22
CA ALA D 13 -0.60 -38.14 0.50
C ALA D 13 -0.26 -37.57 1.88
N SER D 14 0.11 -38.44 2.82
CA SER D 14 0.30 -38.06 4.24
C SER D 14 1.72 -37.56 4.46
N VAL D 15 1.89 -36.74 5.50
CA VAL D 15 3.23 -36.35 6.01
C VAL D 15 4.05 -37.62 6.34
N GLY D 16 5.34 -37.62 5.99
CA GLY D 16 6.23 -38.76 6.27
C GLY D 16 6.22 -39.79 5.15
N ASP D 17 5.24 -39.75 4.26
CA ASP D 17 5.09 -40.74 3.16
C ASP D 17 6.13 -40.47 2.07
N ARG D 18 6.31 -41.46 1.20
CA ARG D 18 7.14 -41.38 0.00
C ARG D 18 6.16 -41.13 -1.16
N VAL D 19 6.34 -40.05 -1.91
CA VAL D 19 5.50 -39.73 -3.10
C VAL D 19 6.38 -39.83 -4.34
N THR D 20 5.82 -40.37 -5.41
CA THR D 20 6.45 -40.45 -6.74
C THR D 20 5.51 -39.78 -7.73
N ILE D 21 6.05 -39.06 -8.66
CA ILE D 21 5.31 -38.39 -9.75
C ILE D 21 6.11 -38.79 -10.98
N THR D 22 5.47 -39.20 -12.05
CA THR D 22 6.13 -39.67 -13.27
C THR D 22 5.86 -38.66 -14.38
N CYS D 23 6.83 -38.55 -15.26
CA CYS D 23 6.72 -37.78 -16.49
C CYS D 23 7.06 -38.74 -17.63
N ARG D 24 6.26 -38.75 -18.67
CA ARG D 24 6.42 -39.63 -19.85
C ARG D 24 6.65 -38.73 -21.06
N ALA D 25 7.76 -38.90 -21.75
CA ALA D 25 8.08 -38.14 -22.97
C ALA D 25 7.64 -38.97 -24.19
N SER D 26 7.17 -38.30 -25.23
CA SER D 26 6.58 -38.92 -26.43
C SER D 26 7.71 -39.45 -27.33
N GLN D 27 8.97 -39.13 -27.04
CA GLN D 27 10.15 -39.71 -27.73
C GLN D 27 11.36 -39.63 -26.80
N GLY D 28 12.43 -40.30 -27.17
CA GLY D 28 13.68 -40.33 -26.40
C GLY D 28 14.18 -38.92 -26.17
N ILE D 29 14.47 -38.58 -24.93
CA ILE D 29 15.09 -37.27 -24.54
C ILE D 29 16.29 -37.54 -23.66
N SER D 30 16.71 -38.80 -23.56
CA SER D 30 17.98 -39.13 -22.90
C SER D 30 17.85 -38.70 -21.42
N SER D 31 18.71 -37.85 -20.89
CA SER D 31 18.60 -37.32 -19.49
C SER D 31 18.22 -35.81 -19.49
N TYR D 32 17.65 -35.29 -20.57
CA TYR D 32 17.34 -33.85 -20.74
C TYR D 32 15.94 -33.56 -20.17
N LEU D 33 15.84 -33.59 -18.84
CA LEU D 33 14.57 -33.41 -18.10
C LEU D 33 14.81 -32.60 -16.82
N ALA D 34 14.04 -31.55 -16.62
CA ALA D 34 14.03 -30.81 -15.34
C ALA D 34 12.69 -30.97 -14.63
N TRP D 35 12.71 -30.82 -13.31
CA TRP D 35 11.49 -30.74 -12.47
C TRP D 35 11.45 -29.41 -11.72
N TYR D 36 10.25 -28.84 -11.57
CA TYR D 36 9.96 -27.56 -10.88
C TYR D 36 8.82 -27.77 -9.88
N GLN D 37 8.87 -27.08 -8.74
CA GLN D 37 7.77 -26.96 -7.75
C GLN D 37 7.16 -25.55 -7.88
N GLN D 38 5.84 -25.43 -8.07
CA GLN D 38 5.16 -24.09 -8.09
C GLN D 38 4.09 -24.03 -6.98
N LYS D 39 4.37 -23.21 -5.97
CA LYS D 39 3.45 -22.86 -4.85
C LYS D 39 2.46 -21.84 -5.41
N PRO D 40 1.22 -21.81 -4.89
CA PRO D 40 0.20 -20.86 -5.37
C PRO D 40 0.69 -19.41 -5.30
N GLY D 41 0.43 -18.72 -6.40
CA GLY D 41 0.84 -17.31 -6.64
C GLY D 41 2.33 -17.09 -6.80
N LYS D 42 3.16 -18.11 -7.04
CA LYS D 42 4.61 -17.90 -7.18
C LYS D 42 5.08 -18.45 -8.52
N ALA D 43 6.28 -18.06 -8.88
CA ALA D 43 7.00 -18.62 -10.02
C ALA D 43 7.40 -20.03 -9.68
N PRO D 44 7.38 -20.92 -10.69
CA PRO D 44 7.93 -22.25 -10.52
C PRO D 44 9.37 -22.12 -10.00
N ASN D 45 9.83 -23.10 -9.25
CA ASN D 45 11.20 -23.09 -8.69
C ASN D 45 11.91 -24.39 -9.09
N LEU D 46 13.17 -24.30 -9.51
CA LEU D 46 13.86 -25.46 -10.14
C LEU D 46 14.32 -26.41 -9.04
N LEU D 47 13.90 -27.68 -9.13
CA LEU D 47 14.24 -28.74 -8.14
C LEU D 47 15.37 -29.60 -8.67
N ILE D 48 15.24 -30.13 -9.89
CA ILE D 48 16.14 -31.15 -10.51
C ILE D 48 16.41 -30.74 -11.96
N TYR D 49 17.65 -30.87 -12.45
CA TYR D 49 17.97 -30.78 -13.91
C TYR D 49 18.79 -32.02 -14.32
N ALA D 50 18.92 -32.25 -15.62
CA ALA D 50 19.57 -33.49 -16.16
C ALA D 50 19.00 -34.73 -15.46
N ALA D 51 17.68 -34.78 -15.24
CA ALA D 51 16.90 -35.94 -14.71
C ALA D 51 17.13 -36.21 -13.22
N SER D 52 18.34 -36.01 -12.67
CA SER D 52 18.66 -36.49 -11.30
C SER D 52 19.64 -35.57 -10.58
N THR D 53 20.05 -34.46 -11.18
CA THR D 53 20.91 -33.50 -10.44
C THR D 53 20.01 -32.57 -9.62
N LEU D 54 20.12 -32.68 -8.30
CA LEU D 54 19.53 -31.76 -7.30
C LEU D 54 20.09 -30.34 -7.48
N GLN D 55 19.24 -29.35 -7.76
CA GLN D 55 19.62 -27.90 -7.80
C GLN D 55 20.02 -27.50 -6.40
N SER D 56 21.02 -26.64 -6.25
CA SER D 56 21.50 -26.23 -4.91
C SER D 56 20.37 -25.43 -4.24
N GLY D 57 20.19 -25.57 -2.94
CA GLY D 57 19.12 -24.88 -2.20
C GLY D 57 17.93 -25.80 -2.04
N VAL D 58 17.93 -26.92 -2.73
CA VAL D 58 16.75 -27.82 -2.71
C VAL D 58 17.00 -28.89 -1.68
N PRO D 59 16.07 -29.14 -0.74
CA PRO D 59 16.30 -30.18 0.27
C PRO D 59 16.50 -31.56 -0.38
N SER D 60 17.28 -32.42 0.29
CA SER D 60 17.74 -33.73 -0.22
C SER D 60 16.57 -34.73 -0.23
N ARG D 61 15.44 -34.39 0.38
CA ARG D 61 14.28 -35.31 0.29
C ARG D 61 13.72 -35.31 -1.15
N PHE D 62 14.08 -34.32 -1.98
CA PHE D 62 13.71 -34.35 -3.42
C PHE D 62 14.78 -35.13 -4.17
N SER D 63 14.35 -36.04 -5.04
CA SER D 63 15.29 -36.73 -5.95
C SER D 63 14.54 -37.06 -7.23
N GLY D 64 15.30 -37.21 -8.30
CA GLY D 64 14.77 -37.63 -9.61
C GLY D 64 15.56 -38.75 -10.22
N SER D 65 14.97 -39.48 -11.15
CA SER D 65 15.63 -40.60 -11.87
C SER D 65 14.91 -40.84 -13.20
N GLY D 66 15.52 -41.73 -14.01
CA GLY D 66 15.00 -42.18 -15.32
C GLY D 66 15.85 -41.64 -16.46
N SER D 67 15.56 -42.12 -17.68
CA SER D 67 16.20 -41.76 -18.95
C SER D 67 15.26 -42.19 -20.09
N GLY D 68 15.43 -41.58 -21.26
CA GLY D 68 14.65 -41.95 -22.46
C GLY D 68 13.28 -41.32 -22.45
N THR D 69 12.28 -42.07 -22.01
CA THR D 69 10.86 -41.68 -22.07
C THR D 69 10.19 -41.68 -20.68
N GLU D 70 10.84 -42.18 -19.61
CA GLU D 70 10.16 -42.42 -18.31
C GLU D 70 10.99 -41.81 -17.18
N PHE D 71 10.42 -40.88 -16.41
CA PHE D 71 11.16 -40.10 -15.39
C PHE D 71 10.33 -40.06 -14.12
N THR D 72 11.01 -40.08 -13.00
CA THR D 72 10.35 -40.12 -11.67
C THR D 72 10.91 -38.98 -10.82
N LEU D 73 10.03 -38.19 -10.22
CA LEU D 73 10.35 -37.31 -9.08
C LEU D 73 9.88 -38.01 -7.82
N THR D 74 10.76 -38.15 -6.85
CA THR D 74 10.44 -38.79 -5.58
C THR D 74 10.61 -37.74 -4.49
N ILE D 75 9.63 -37.65 -3.60
CA ILE D 75 9.81 -36.92 -2.33
C ILE D 75 9.76 -37.98 -1.25
N SER D 76 10.86 -38.17 -0.54
CA SER D 76 11.11 -39.40 0.25
C SER D 76 10.36 -39.31 1.59
N SER D 77 10.15 -38.10 2.12
CA SER D 77 9.48 -37.92 3.43
C SER D 77 8.65 -36.63 3.38
N LEU D 78 7.40 -36.76 2.91
CA LEU D 78 6.56 -35.61 2.48
C LEU D 78 6.32 -34.64 3.64
N GLN D 79 6.55 -33.36 3.40
CA GLN D 79 6.41 -32.29 4.43
C GLN D 79 5.17 -31.45 4.11
N PRO D 80 4.56 -30.78 5.12
CA PRO D 80 3.39 -29.93 4.88
C PRO D 80 3.68 -28.78 3.89
N GLU D 81 4.89 -28.24 3.89
CA GLU D 81 5.25 -27.16 2.94
C GLU D 81 5.48 -27.74 1.52
N ASP D 82 5.29 -29.04 1.26
CA ASP D 82 5.48 -29.64 -0.10
C ASP D 82 4.19 -29.56 -0.95
N PHE D 83 3.14 -29.03 -0.36
CA PHE D 83 1.92 -28.71 -1.13
C PHE D 83 2.31 -27.79 -2.30
N ALA D 84 1.99 -28.20 -3.54
CA ALA D 84 2.36 -27.45 -4.74
C ALA D 84 1.80 -28.16 -5.96
N THR D 85 2.00 -27.51 -7.09
CA THR D 85 1.93 -28.14 -8.44
C THR D 85 3.36 -28.37 -8.96
N TYR D 86 3.68 -29.61 -9.38
CA TYR D 86 5.00 -30.05 -9.87
C TYR D 86 4.93 -30.18 -11.39
N TYR D 87 5.96 -29.74 -12.10
CA TYR D 87 6.01 -29.71 -13.57
C TYR D 87 7.35 -30.28 -14.02
N CYS D 88 7.29 -31.11 -15.07
CA CYS D 88 8.48 -31.58 -15.75
C CYS D 88 8.62 -30.76 -17.02
N GLN D 89 9.86 -30.55 -17.43
CA GLN D 89 10.25 -29.81 -18.65
C GLN D 89 11.24 -30.67 -19.42
N GLN D 90 11.13 -30.70 -20.76
CA GLN D 90 12.12 -31.43 -21.60
C GLN D 90 13.11 -30.41 -22.15
N LEU D 91 14.39 -30.76 -22.16
CA LEU D 91 15.49 -29.94 -22.68
C LEU D 91 16.18 -30.68 -23.82
N ASN D 92 15.42 -31.47 -24.56
CA ASN D 92 15.94 -32.20 -25.73
C ASN D 92 16.06 -31.27 -26.93
N SER D 93 14.98 -30.59 -27.32
CA SER D 93 14.91 -29.81 -28.58
C SER D 93 13.78 -28.78 -28.56
N TYR D 94 13.96 -27.69 -29.30
CA TYR D 94 12.98 -26.59 -29.42
C TYR D 94 11.79 -27.18 -30.15
N PRO D 95 10.54 -26.75 -29.90
CA PRO D 95 10.23 -25.83 -28.81
C PRO D 95 10.24 -26.45 -27.40
N HIS D 96 10.53 -25.63 -26.40
CA HIS D 96 10.41 -25.99 -24.97
C HIS D 96 8.99 -26.48 -24.74
N THR D 97 8.85 -27.56 -24.01
CA THR D 97 7.54 -28.04 -23.56
C THR D 97 7.63 -28.52 -22.11
N PHE D 98 6.49 -28.45 -21.41
CA PHE D 98 6.36 -28.85 -20.01
C PHE D 98 5.21 -29.84 -19.92
N GLY D 99 5.21 -30.70 -18.92
CA GLY D 99 4.03 -31.52 -18.64
C GLY D 99 2.90 -30.64 -18.15
N GLN D 100 1.75 -31.24 -17.88
CA GLN D 100 0.50 -30.51 -17.63
C GLN D 100 0.43 -30.21 -16.13
N GLY D 101 1.31 -30.79 -15.31
CA GLY D 101 1.35 -30.45 -13.87
C GLY D 101 0.72 -31.53 -13.03
N THR D 102 1.28 -31.74 -11.85
CA THR D 102 0.75 -32.67 -10.85
C THR D 102 0.49 -31.87 -9.59
N LYS D 103 -0.72 -31.85 -9.12
CA LYS D 103 -1.09 -31.14 -7.89
C LYS D 103 -0.98 -32.10 -6.71
N LEU D 104 -0.19 -31.73 -5.72
CA LEU D 104 0.06 -32.58 -4.53
C LEU D 104 -0.57 -31.88 -3.34
N GLU D 105 -1.53 -32.52 -2.69
CA GLU D 105 -2.18 -31.98 -1.47
C GLU D 105 -1.72 -32.84 -0.30
N ILE D 106 -1.64 -32.22 0.88
CA ILE D 106 -1.22 -32.89 2.12
C ILE D 106 -2.46 -33.38 2.87
N LYS D 107 -2.56 -34.68 3.08
CA LYS D 107 -3.56 -35.26 3.99
C LYS D 107 -3.20 -34.89 5.43
N ARG D 108 -4.23 -34.64 6.25
CA ARG D 108 -4.12 -34.48 7.72
C ARG D 108 -5.44 -34.96 8.35
N THR D 109 -5.50 -34.97 9.67
CA THR D 109 -6.71 -35.33 10.45
C THR D 109 -7.85 -34.36 10.15
N VAL D 110 -9.07 -34.86 10.25
CA VAL D 110 -10.33 -34.09 10.07
C VAL D 110 -10.27 -32.87 11.00
N ALA D 111 -10.63 -31.70 10.49
CA ALA D 111 -10.74 -30.46 11.28
C ALA D 111 -12.01 -29.75 10.82
N ALA D 112 -12.91 -29.54 11.76
CA ALA D 112 -14.19 -28.86 11.59
C ALA D 112 -13.97 -27.37 11.27
N PRO D 113 -14.79 -26.76 10.38
CA PRO D 113 -14.74 -25.33 10.15
C PRO D 113 -15.24 -24.59 11.41
N SER D 114 -14.59 -23.48 11.75
CA SER D 114 -15.16 -22.43 12.64
C SER D 114 -15.92 -21.40 11.76
N VAL D 115 -17.18 -21.17 12.06
CA VAL D 115 -18.10 -20.44 11.14
C VAL D 115 -18.32 -19.04 11.72
N PHE D 116 -18.21 -18.01 10.89
CA PHE D 116 -18.53 -16.60 11.23
C PHE D 116 -19.43 -16.08 10.13
N ILE D 117 -20.44 -15.32 10.53
CA ILE D 117 -21.25 -14.56 9.54
C ILE D 117 -21.05 -13.05 9.76
N PHE D 118 -20.99 -12.28 8.68
CA PHE D 118 -20.79 -10.82 8.68
C PHE D 118 -21.94 -10.14 7.96
N PRO D 119 -22.69 -9.28 8.66
CA PRO D 119 -23.75 -8.53 8.01
C PRO D 119 -23.07 -7.53 7.08
N PRO D 120 -23.74 -6.98 6.06
CA PRO D 120 -23.14 -5.91 5.27
C PRO D 120 -22.93 -4.66 6.14
N SER D 121 -21.94 -3.85 5.79
CA SER D 121 -21.64 -2.58 6.48
C SER D 121 -22.70 -1.55 6.06
N ASP D 122 -22.98 -0.60 6.94
CA ASP D 122 -23.76 0.62 6.63
C ASP D 122 -23.15 1.33 5.42
N GLU D 123 -21.82 1.44 5.36
CA GLU D 123 -21.10 2.08 4.22
C GLU D 123 -21.62 1.43 2.92
N GLN D 124 -21.58 0.10 2.80
CA GLN D 124 -22.00 -0.59 1.54
C GLN D 124 -23.47 -0.33 1.24
N LEU D 125 -24.35 -0.43 2.24
CA LEU D 125 -25.85 -0.29 2.06
C LEU D 125 -26.17 1.08 1.45
N LYS D 126 -25.47 2.15 1.85
CA LYS D 126 -25.60 3.53 1.29
C LYS D 126 -25.26 3.58 -0.22
N SER D 127 -24.38 2.72 -0.72
CA SER D 127 -24.10 2.60 -2.17
C SER D 127 -25.19 1.77 -2.89
N GLY D 128 -26.14 1.18 -2.15
CA GLY D 128 -27.26 0.43 -2.75
C GLY D 128 -27.03 -1.06 -2.92
N THR D 129 -25.94 -1.64 -2.39
CA THR D 129 -25.72 -3.11 -2.42
C THR D 129 -25.54 -3.68 -1.01
N ALA D 130 -25.85 -4.96 -0.87
CA ALA D 130 -25.64 -5.73 0.37
C ALA D 130 -24.90 -7.04 0.04
N SER D 131 -23.67 -7.17 0.56
CA SER D 131 -22.95 -8.45 0.55
C SER D 131 -23.04 -9.03 1.97
N VAL D 132 -23.53 -10.24 2.10
CA VAL D 132 -23.49 -10.98 3.38
C VAL D 132 -22.42 -12.04 3.23
N VAL D 133 -21.48 -12.08 4.16
CA VAL D 133 -20.35 -13.02 4.07
C VAL D 133 -20.40 -14.07 5.17
N CYS D 134 -20.20 -15.31 4.79
CA CYS D 134 -20.06 -16.47 5.67
C CYS D 134 -18.66 -17.04 5.49
N LEU D 135 -17.91 -17.10 6.57
CA LEU D 135 -16.51 -17.57 6.61
C LEU D 135 -16.49 -18.96 7.25
N LEU D 136 -15.80 -19.90 6.60
CA LEU D 136 -15.52 -21.25 7.14
C LEU D 136 -14.03 -21.32 7.34
N ASN D 137 -13.56 -21.35 8.58
CA ASN D 137 -12.12 -21.16 8.83
C ASN D 137 -11.43 -22.45 9.25
N ASN D 138 -10.30 -22.72 8.59
CA ASN D 138 -9.28 -23.72 8.99
C ASN D 138 -9.93 -25.12 9.11
N PHE D 139 -10.33 -25.70 8.00
CA PHE D 139 -10.95 -27.04 8.03
C PHE D 139 -10.27 -27.99 7.03
N TYR D 140 -10.54 -29.27 7.20
CA TYR D 140 -10.00 -30.37 6.39
C TYR D 140 -10.94 -31.58 6.53
N PRO D 141 -11.32 -32.31 5.45
CA PRO D 141 -10.95 -31.99 4.07
C PRO D 141 -11.76 -30.84 3.42
N ARG D 142 -11.52 -30.61 2.12
CA ARG D 142 -11.95 -29.42 1.33
C ARG D 142 -13.47 -29.42 1.19
N GLU D 143 -14.05 -30.62 1.04
CA GLU D 143 -15.50 -30.86 0.86
C GLU D 143 -16.27 -30.18 2.02
N ALA D 144 -17.13 -29.22 1.69
CA ALA D 144 -17.96 -28.47 2.62
C ALA D 144 -19.21 -28.01 1.88
N LYS D 145 -20.32 -27.95 2.59
CA LYS D 145 -21.62 -27.46 2.06
C LYS D 145 -22.07 -26.25 2.89
N VAL D 146 -22.41 -25.18 2.19
CA VAL D 146 -22.89 -23.91 2.73
C VAL D 146 -24.23 -23.62 2.10
N GLN D 147 -25.26 -23.50 2.92
CA GLN D 147 -26.62 -23.12 2.49
C GLN D 147 -26.96 -21.78 3.13
N TRP D 148 -27.45 -20.85 2.34
CA TRP D 148 -28.02 -19.56 2.79
C TRP D 148 -29.52 -19.72 3.05
N LYS D 149 -29.93 -19.30 4.25
CA LYS D 149 -31.34 -19.20 4.64
C LYS D 149 -31.65 -17.74 4.93
N VAL D 150 -32.77 -17.27 4.41
CA VAL D 150 -33.29 -15.90 4.60
C VAL D 150 -34.74 -16.05 5.11
N ASP D 151 -34.99 -15.68 6.39
CA ASP D 151 -36.27 -15.92 7.12
C ASP D 151 -36.65 -17.39 6.96
N ASN D 152 -35.66 -18.26 7.08
CA ASN D 152 -35.81 -19.73 6.98
C ASN D 152 -36.08 -20.24 5.57
N ALA D 153 -36.09 -19.43 4.52
CA ALA D 153 -36.20 -19.94 3.12
C ALA D 153 -34.80 -20.27 2.61
N LEU D 154 -34.66 -21.35 1.85
CA LEU D 154 -33.37 -21.68 1.18
C LEU D 154 -33.23 -20.74 -0.01
N GLN D 155 -32.24 -19.87 0.05
CA GLN D 155 -31.96 -18.79 -0.91
C GLN D 155 -30.78 -19.22 -1.79
N SER D 156 -31.05 -19.48 -3.05
CA SER D 156 -30.12 -20.09 -4.03
C SER D 156 -29.94 -19.12 -5.20
N GLY D 157 -28.74 -19.09 -5.77
CA GLY D 157 -28.49 -18.43 -7.06
C GLY D 157 -28.08 -16.95 -6.94
N ASN D 158 -27.72 -16.50 -5.74
CA ASN D 158 -27.08 -15.17 -5.59
C ASN D 158 -25.92 -15.32 -4.60
N SER D 159 -25.30 -16.50 -4.56
CA SER D 159 -24.12 -16.72 -3.69
C SER D 159 -22.90 -17.23 -4.49
N GLN D 160 -21.70 -16.96 -3.98
CA GLN D 160 -20.45 -17.40 -4.60
C GLN D 160 -19.49 -17.83 -3.50
N GLU D 161 -18.73 -18.87 -3.80
CA GLU D 161 -17.73 -19.47 -2.88
C GLU D 161 -16.35 -19.17 -3.41
N SER D 162 -15.39 -19.03 -2.52
CA SER D 162 -13.96 -18.91 -2.86
C SER D 162 -13.21 -19.68 -1.77
N VAL D 163 -12.16 -20.40 -2.14
CA VAL D 163 -11.43 -21.28 -1.21
C VAL D 163 -9.97 -20.85 -1.22
N THR D 164 -9.35 -20.78 -0.08
CA THR D 164 -7.90 -20.58 -0.02
C THR D 164 -7.23 -21.86 -0.52
N GLU D 165 -6.00 -21.69 -0.93
CA GLU D 165 -5.09 -22.80 -1.21
C GLU D 165 -4.77 -23.38 0.16
N GLN D 166 -4.47 -24.67 0.17
CA GLN D 166 -4.14 -25.41 1.39
C GLN D 166 -3.02 -24.63 2.07
N ASP D 167 -3.14 -24.44 3.36
CA ASP D 167 -2.11 -23.78 4.18
C ASP D 167 -0.81 -24.64 4.26
N SER D 168 0.34 -23.96 4.20
CA SER D 168 1.70 -24.56 4.14
C SER D 168 2.10 -25.13 5.52
N LYS D 169 1.49 -24.67 6.61
CA LYS D 169 1.86 -25.09 7.98
C LYS D 169 0.86 -26.11 8.56
N ASP D 170 -0.45 -25.84 8.52
CA ASP D 170 -1.47 -26.65 9.24
C ASP D 170 -2.30 -27.49 8.25
N SER D 171 -2.13 -27.31 6.93
CA SER D 171 -2.73 -28.13 5.85
C SER D 171 -4.25 -27.96 5.84
N THR D 172 -4.79 -26.90 6.45
CA THR D 172 -6.25 -26.58 6.42
C THR D 172 -6.59 -25.66 5.24
N TYR D 173 -7.85 -25.69 4.86
CA TYR D 173 -8.52 -24.77 3.91
C TYR D 173 -9.35 -23.80 4.74
N SER D 174 -9.68 -22.68 4.10
CA SER D 174 -10.66 -21.68 4.55
C SER D 174 -11.56 -21.34 3.37
N LEU D 175 -12.81 -21.01 3.63
CA LEU D 175 -13.79 -20.79 2.55
C LEU D 175 -14.63 -19.58 2.88
N SER D 176 -14.93 -18.76 1.87
CA SER D 176 -15.87 -17.63 1.95
C SER D 176 -17.06 -17.95 1.06
N SER D 177 -18.25 -17.65 1.56
CA SER D 177 -19.49 -17.69 0.75
C SER D 177 -20.14 -16.32 0.89
N THR D 178 -20.42 -15.67 -0.22
CA THR D 178 -20.89 -14.27 -0.29
C THR D 178 -22.26 -14.29 -0.96
N LEU D 179 -23.26 -13.80 -0.23
CA LEU D 179 -24.61 -13.57 -0.72
C LEU D 179 -24.70 -12.09 -1.12
N THR D 180 -24.97 -11.82 -2.38
CA THR D 180 -25.11 -10.44 -2.91
C THR D 180 -26.57 -10.15 -3.31
N LEU D 181 -27.09 -9.06 -2.76
CA LEU D 181 -28.47 -8.57 -2.96
C LEU D 181 -28.38 -7.06 -3.24
N SER D 182 -29.38 -6.52 -3.95
CA SER D 182 -29.71 -5.06 -3.92
C SER D 182 -30.07 -4.67 -2.48
N LYS D 183 -29.85 -3.40 -2.10
CA LYS D 183 -30.29 -2.84 -0.78
C LYS D 183 -31.80 -3.06 -0.62
N ALA D 184 -32.56 -2.97 -1.71
CA ALA D 184 -34.04 -3.11 -1.72
C ALA D 184 -34.40 -4.56 -1.35
N ASP D 185 -33.82 -5.55 -2.05
CA ASP D 185 -33.99 -7.01 -1.78
C ASP D 185 -33.51 -7.33 -0.36
N TYR D 186 -32.39 -6.74 0.12
CA TYR D 186 -31.82 -6.94 1.49
C TYR D 186 -32.87 -6.57 2.54
N GLU D 187 -33.50 -5.41 2.36
CA GLU D 187 -34.53 -4.82 3.27
C GLU D 187 -35.83 -5.66 3.32
N LYS D 188 -36.10 -6.56 2.37
CA LYS D 188 -37.32 -7.42 2.37
C LYS D 188 -37.21 -8.55 3.40
N HIS D 189 -36.05 -8.78 4.01
CA HIS D 189 -35.84 -9.98 4.85
C HIS D 189 -35.35 -9.55 6.23
N LYS D 190 -35.65 -10.34 7.25
CA LYS D 190 -35.22 -10.00 8.63
C LYS D 190 -34.01 -10.86 9.06
N VAL D 191 -34.08 -12.18 8.96
CA VAL D 191 -33.01 -13.07 9.47
C VAL D 191 -32.19 -13.58 8.27
N TYR D 192 -30.88 -13.39 8.33
CA TYR D 192 -29.89 -13.98 7.41
C TYR D 192 -29.10 -15.03 8.20
N ALA D 193 -28.99 -16.20 7.63
CA ALA D 193 -28.24 -17.31 8.26
C ALA D 193 -27.49 -18.09 7.20
N CYS D 194 -26.30 -18.62 7.56
CA CYS D 194 -25.62 -19.62 6.74
C CYS D 194 -25.47 -20.91 7.55
N GLU D 195 -25.72 -22.02 6.89
CA GLU D 195 -25.81 -23.37 7.47
C GLU D 195 -24.71 -24.20 6.82
N VAL D 196 -23.88 -24.80 7.66
CA VAL D 196 -22.60 -25.40 7.20
C VAL D 196 -22.63 -26.87 7.57
N THR D 197 -22.37 -27.70 6.56
CA THR D 197 -22.23 -29.16 6.70
C THR D 197 -20.78 -29.51 6.40
N HIS D 198 -20.19 -30.37 7.21
CA HIS D 198 -18.81 -30.84 7.03
C HIS D 198 -18.59 -32.14 7.79
N GLN D 199 -17.68 -32.97 7.30
CA GLN D 199 -17.28 -34.25 7.90
C GLN D 199 -16.91 -34.06 9.38
N GLY D 200 -16.26 -32.95 9.79
CA GLY D 200 -15.80 -32.78 11.18
C GLY D 200 -16.88 -32.36 12.14
N LEU D 201 -18.06 -32.01 11.63
CA LEU D 201 -19.25 -31.69 12.47
C LEU D 201 -20.16 -32.91 12.56
N SER D 202 -20.73 -33.09 13.75
CA SER D 202 -21.78 -34.11 14.06
C SER D 202 -23.16 -33.58 13.64
N SER D 203 -23.32 -32.27 13.58
CA SER D 203 -24.56 -31.70 13.02
C SER D 203 -24.26 -30.33 12.42
N PRO D 204 -25.08 -29.90 11.45
CA PRO D 204 -24.91 -28.60 10.79
C PRO D 204 -24.81 -27.49 11.83
N VAL D 205 -23.89 -26.58 11.60
CA VAL D 205 -23.69 -25.34 12.39
C VAL D 205 -24.36 -24.24 11.59
N THR D 206 -25.23 -23.48 12.25
CA THR D 206 -25.90 -22.28 11.69
C THR D 206 -25.39 -21.04 12.43
N LYS D 207 -25.03 -19.99 11.70
CA LYS D 207 -24.73 -18.67 12.28
C LYS D 207 -25.68 -17.70 11.63
N SER D 208 -26.30 -16.83 12.41
CA SER D 208 -27.35 -15.95 11.90
C SER D 208 -27.20 -14.56 12.47
N PHE D 209 -27.81 -13.57 11.84
CA PHE D 209 -28.06 -12.25 12.49
C PHE D 209 -29.46 -11.76 12.07
N ASN D 210 -30.01 -10.91 12.93
CA ASN D 210 -31.30 -10.24 12.71
C ASN D 210 -30.99 -8.86 12.13
N ARG D 211 -31.41 -8.55 10.91
CA ARG D 211 -31.15 -7.24 10.24
C ARG D 211 -31.51 -6.07 11.18
N GLY D 212 -30.57 -5.13 11.34
CA GLY D 212 -30.59 -3.98 12.28
C GLY D 212 -30.85 -4.37 13.74
N GLU D 213 -30.02 -5.23 14.33
CA GLU D 213 -30.12 -5.67 15.76
C GLU D 213 -28.72 -6.06 16.23
N GLN E 1 -12.12 39.56 10.05
CA GLN E 1 -11.68 38.23 10.52
C GLN E 1 -10.59 38.43 11.59
N VAL E 2 -10.96 38.36 12.87
CA VAL E 2 -10.04 38.19 14.05
C VAL E 2 -8.79 37.37 13.69
N GLN E 3 -7.61 37.83 14.12
CA GLN E 3 -6.34 37.09 13.89
C GLN E 3 -5.70 36.73 15.23
N LEU E 4 -5.16 35.52 15.28
CA LEU E 4 -4.47 34.96 16.46
C LEU E 4 -3.03 34.67 16.04
N GLN E 5 -2.10 35.01 16.91
CA GLN E 5 -0.66 34.79 16.71
C GLN E 5 -0.10 34.15 17.97
N GLU E 6 0.36 32.92 17.88
CA GLU E 6 1.13 32.28 18.97
C GLU E 6 2.52 32.95 19.02
N SER E 7 3.10 33.05 20.20
CA SER E 7 4.51 33.43 20.40
C SER E 7 5.01 32.76 21.68
N GLY E 8 6.33 32.60 21.78
CA GLY E 8 6.99 31.91 22.89
C GLY E 8 8.08 31.00 22.34
N PRO E 9 9.01 30.51 23.18
CA PRO E 9 10.19 29.79 22.71
C PRO E 9 9.86 28.51 21.94
N GLY E 10 10.63 28.18 20.91
CA GLY E 10 10.46 26.91 20.16
C GLY E 10 11.26 25.77 20.78
N LEU E 11 11.98 26.01 21.87
CA LEU E 11 12.87 25.02 22.55
C LEU E 11 12.67 25.12 24.08
N VAL E 12 12.39 24.00 24.76
CA VAL E 12 12.20 23.88 26.24
C VAL E 12 12.96 22.65 26.73
N LYS E 13 13.74 22.77 27.79
CA LYS E 13 14.50 21.63 28.38
C LYS E 13 13.53 20.71 29.08
N PRO E 14 13.80 19.39 29.13
CA PRO E 14 12.94 18.45 29.86
C PRO E 14 12.85 18.90 31.32
N SER E 15 11.67 18.71 31.92
CA SER E 15 11.29 19.01 33.33
C SER E 15 10.98 20.51 33.54
N GLU E 16 11.27 21.38 32.56
CA GLU E 16 11.01 22.83 32.69
C GLU E 16 9.57 23.12 32.19
N THR E 17 9.17 24.38 32.20
CA THR E 17 7.78 24.80 31.90
C THR E 17 7.73 25.43 30.49
N LEU E 18 6.82 24.92 29.66
CA LEU E 18 6.49 25.42 28.31
C LEU E 18 5.53 26.58 28.53
N SER E 19 5.81 27.71 27.89
CA SER E 19 5.07 28.98 28.05
C SER E 19 4.76 29.58 26.69
N LEU E 20 3.49 29.82 26.40
CA LEU E 20 3.09 30.36 25.08
C LEU E 20 2.02 31.41 25.38
N THR E 21 1.98 32.44 24.56
CA THR E 21 0.92 33.43 24.62
C THR E 21 0.34 33.60 23.23
N CYS E 22 -0.95 33.80 23.20
CA CYS E 22 -1.76 34.06 22.01
C CYS E 22 -2.18 35.52 22.12
N THR E 23 -1.77 36.33 21.17
CA THR E 23 -2.16 37.74 21.05
C THR E 23 -3.31 37.79 20.04
N VAL E 24 -4.41 38.44 20.38
CA VAL E 24 -5.66 38.45 19.57
C VAL E 24 -5.73 39.85 18.95
N SER E 25 -6.05 39.98 17.67
CA SER E 25 -6.41 41.32 17.12
C SER E 25 -7.68 41.21 16.27
N GLY E 26 -8.46 42.28 16.19
CA GLY E 26 -9.65 42.28 15.33
C GLY E 26 -10.92 42.04 16.14
N GLY E 27 -10.80 41.77 17.43
CA GLY E 27 -11.93 41.53 18.36
C GLY E 27 -11.38 41.38 19.77
N SER E 28 -12.24 41.32 20.77
CA SER E 28 -11.83 41.32 22.19
C SER E 28 -11.80 39.90 22.75
N ILE E 29 -10.87 39.69 23.65
CA ILE E 29 -10.78 38.50 24.53
C ILE E 29 -12.16 38.21 25.17
N SER E 30 -12.82 39.26 25.66
CA SER E 30 -14.01 39.09 26.52
C SER E 30 -15.21 38.71 25.66
N SER E 31 -15.13 38.72 24.32
CA SER E 31 -16.31 38.41 23.48
C SER E 31 -16.36 36.91 23.14
N TYR E 32 -15.29 36.15 23.38
CA TYR E 32 -15.13 34.77 22.86
C TYR E 32 -14.62 33.81 23.95
N HIS E 33 -14.71 32.52 23.64
CA HIS E 33 -14.13 31.41 24.42
C HIS E 33 -12.94 30.88 23.62
N TRP E 34 -11.85 30.54 24.32
CA TRP E 34 -10.51 30.28 23.72
C TRP E 34 -10.03 28.89 24.14
N ASN E 35 -9.25 28.23 23.28
CA ASN E 35 -8.65 26.94 23.64
C ASN E 35 -7.20 26.91 23.15
N TRP E 36 -6.42 26.01 23.74
CA TRP E 36 -5.12 25.50 23.26
C TRP E 36 -5.28 24.08 22.70
N ILE E 37 -4.74 23.84 21.49
CA ILE E 37 -4.69 22.53 20.79
C ILE E 37 -3.23 22.26 20.41
N ARG E 38 -2.82 21.00 20.36
CA ARG E 38 -1.47 20.69 19.85
C ARG E 38 -1.56 19.50 18.90
N GLN E 39 -0.52 19.35 18.12
CA GLN E 39 -0.40 18.27 17.12
C GLN E 39 1.05 17.80 17.12
N PRO E 40 1.37 16.66 17.76
CA PRO E 40 2.69 16.04 17.59
C PRO E 40 2.98 15.77 16.12
N PRO E 41 4.25 15.84 15.67
CA PRO E 41 4.59 15.61 14.26
C PRO E 41 4.02 14.28 13.72
N GLY E 42 3.29 14.35 12.59
CA GLY E 42 2.64 13.24 11.87
C GLY E 42 1.51 12.59 12.66
N LYS E 43 1.05 13.19 13.74
CA LYS E 43 -0.01 12.61 14.60
C LYS E 43 -1.25 13.52 14.53
N GLY E 44 -2.25 13.21 15.36
CA GLY E 44 -3.55 13.88 15.31
C GLY E 44 -3.60 15.10 16.22
N LEU E 45 -4.79 15.68 16.30
CA LEU E 45 -5.06 16.86 17.15
C LEU E 45 -5.35 16.34 18.55
N GLU E 46 -4.78 17.01 19.53
CA GLU E 46 -5.08 16.78 20.97
C GLU E 46 -5.51 18.11 21.58
N TRP E 47 -6.66 18.13 22.25
CA TRP E 47 -7.17 19.32 22.97
C TRP E 47 -6.41 19.50 24.29
N ILE E 48 -5.93 20.70 24.61
CA ILE E 48 -5.19 20.97 25.88
C ILE E 48 -6.13 21.55 26.93
N GLY E 49 -6.81 22.65 26.60
CA GLY E 49 -7.70 23.31 27.57
C GLY E 49 -8.48 24.47 26.98
N TYR E 50 -9.35 25.01 27.82
CA TYR E 50 -10.37 26.01 27.48
C TYR E 50 -10.29 27.09 28.53
N ILE E 51 -10.54 28.31 28.12
CA ILE E 51 -10.73 29.42 29.08
C ILE E 51 -11.76 30.42 28.55
N TYR E 52 -12.61 30.89 29.46
CA TYR E 52 -13.45 32.12 29.33
C TYR E 52 -12.93 33.10 30.38
N TYR E 53 -12.80 34.37 30.04
CA TYR E 53 -12.14 35.41 30.89
C TYR E 53 -12.82 35.66 32.26
N SER E 54 -13.96 35.05 32.52
N SER E 54 -14.08 35.25 32.42
CA SER E 54 -14.52 34.94 33.89
CA SER E 54 -15.00 35.60 33.55
C SER E 54 -13.49 34.20 34.77
C SER E 54 -15.59 34.33 34.18
N GLY E 55 -12.50 33.55 34.15
N GLY E 55 -15.31 33.15 33.61
CA GLY E 55 -11.43 32.78 34.81
CA GLY E 55 -16.19 31.99 33.76
C GLY E 55 -11.72 31.29 34.76
C GLY E 55 -15.58 30.78 34.41
N ASN E 56 -12.94 30.92 34.35
N ASN E 56 -14.44 30.32 33.90
CA ASN E 56 -13.45 29.52 34.29
CA ASN E 56 -13.89 29.00 34.29
C ASN E 56 -12.61 28.71 33.28
C ASN E 56 -12.82 28.56 33.28
N THR E 57 -12.09 27.53 33.68
CA THR E 57 -11.21 26.72 32.82
C THR E 57 -11.69 25.26 32.80
N ASN E 58 -11.41 24.57 31.70
CA ASN E 58 -11.52 23.09 31.54
C ASN E 58 -10.22 22.62 30.87
N TYR E 59 -9.58 21.64 31.50
CA TYR E 59 -8.28 21.08 31.13
C TYR E 59 -8.48 19.62 30.75
N ASN E 60 -7.78 19.17 29.72
CA ASN E 60 -7.75 17.73 29.33
C ASN E 60 -7.30 16.95 30.56
N PRO E 61 -8.06 15.94 31.02
CA PRO E 61 -7.69 15.16 32.22
C PRO E 61 -6.31 14.50 32.15
N SER E 62 -5.89 14.06 30.97
CA SER E 62 -4.56 13.47 30.75
C SER E 62 -3.45 14.49 31.06
N LEU E 63 -3.69 15.80 30.94
CA LEU E 63 -2.66 16.87 31.13
C LEU E 63 -2.90 17.71 32.39
N LYS E 64 -4.06 17.54 33.03
CA LYS E 64 -4.69 18.51 33.99
C LYS E 64 -3.72 18.99 35.10
N SER E 65 -2.84 18.12 35.62
CA SER E 65 -1.97 18.49 36.77
C SER E 65 -0.86 19.43 36.28
N ARG E 66 -0.49 19.39 35.00
CA ARG E 66 0.63 20.19 34.43
C ARG E 66 0.14 21.46 33.72
N VAL E 67 -1.15 21.61 33.46
CA VAL E 67 -1.64 22.68 32.55
C VAL E 67 -2.20 23.84 33.37
N SER E 68 -1.90 25.06 32.91
CA SER E 68 -2.51 26.32 33.36
C SER E 68 -2.79 27.18 32.14
N ILE E 69 -3.98 27.79 32.10
CA ILE E 69 -4.39 28.73 31.04
C ILE E 69 -4.92 29.96 31.74
N SER E 70 -4.56 31.13 31.25
CA SER E 70 -5.02 32.43 31.80
C SER E 70 -5.27 33.46 30.69
N THR E 71 -6.00 34.51 31.04
CA THR E 71 -6.30 35.62 30.10
C THR E 71 -5.74 36.89 30.72
N ASP E 72 -5.39 37.83 29.86
CA ASP E 72 -5.07 39.21 30.25
C ASP E 72 -5.85 40.13 29.32
N THR E 73 -6.89 40.78 29.83
CA THR E 73 -7.85 41.52 28.96
C THR E 73 -7.21 42.83 28.52
N SER E 74 -6.33 43.40 29.33
CA SER E 74 -5.67 44.70 29.00
C SER E 74 -4.71 44.52 27.83
N LYS E 75 -4.12 43.34 27.64
CA LYS E 75 -3.15 43.17 26.52
C LYS E 75 -3.81 42.36 25.39
N ASN E 76 -5.06 41.94 25.60
CA ASN E 76 -5.86 41.19 24.58
C ASN E 76 -5.13 39.87 24.28
N GLN E 77 -4.68 39.21 25.35
CA GLN E 77 -3.96 37.93 25.27
C GLN E 77 -4.57 36.84 26.13
N PHE E 78 -4.21 35.60 25.82
CA PHE E 78 -4.34 34.45 26.75
C PHE E 78 -3.11 33.57 26.60
N SER E 79 -2.87 32.73 27.60
CA SER E 79 -1.56 32.07 27.78
C SER E 79 -1.77 30.63 28.16
N LEU E 80 -0.73 29.86 27.90
CA LEU E 80 -0.65 28.44 28.29
C LEU E 80 0.66 28.26 29.05
N LYS E 81 0.60 27.51 30.16
CA LYS E 81 1.80 26.92 30.85
C LYS E 81 1.62 25.41 30.95
N LEU E 82 2.56 24.67 30.36
CA LEU E 82 2.64 23.19 30.49
C LEU E 82 3.92 22.88 31.28
N SER E 83 3.74 22.35 32.48
CA SER E 83 4.81 22.12 33.47
C SER E 83 5.46 20.75 33.26
N SER E 84 6.67 20.62 33.78
CA SER E 84 7.57 19.45 33.70
C SER E 84 7.39 18.64 32.39
N VAL E 85 7.86 19.20 31.29
CA VAL E 85 7.64 18.64 29.92
C VAL E 85 8.63 17.50 29.65
N THR E 86 8.23 16.52 28.83
CA THR E 86 9.11 15.50 28.24
C THR E 86 9.03 15.61 26.71
N ALA E 87 9.78 14.75 26.01
CA ALA E 87 9.71 14.55 24.54
C ALA E 87 8.25 14.36 24.09
N ALA E 88 7.39 13.77 24.90
CA ALA E 88 5.97 13.52 24.57
C ALA E 88 5.21 14.84 24.32
N ASP E 89 5.71 15.97 24.78
CA ASP E 89 5.11 17.33 24.63
C ASP E 89 5.65 18.06 23.40
N THR E 90 6.59 17.47 22.68
CA THR E 90 7.11 18.06 21.43
C THR E 90 5.92 18.16 20.47
N ALA E 91 5.63 19.34 19.94
CA ALA E 91 4.45 19.49 19.09
C ALA E 91 4.36 20.90 18.48
N VAL E 92 3.46 21.04 17.51
CA VAL E 92 2.89 22.33 17.07
C VAL E 92 1.75 22.64 18.04
N TYR E 93 1.80 23.81 18.65
CA TYR E 93 0.77 24.36 19.56
C TYR E 93 0.00 25.47 18.86
N TYR E 94 -1.32 25.38 18.95
CA TYR E 94 -2.27 26.29 18.28
C TYR E 94 -3.18 26.88 19.35
N CYS E 95 -3.37 28.19 19.28
CA CYS E 95 -4.44 28.86 20.00
C CYS E 95 -5.63 28.97 19.06
N VAL E 96 -6.84 28.85 19.60
CA VAL E 96 -8.06 28.88 18.76
C VAL E 96 -9.16 29.67 19.45
N ARG E 97 -10.03 30.21 18.64
CA ARG E 97 -11.29 30.84 19.04
C ARG E 97 -12.41 29.89 18.72
N GLU E 98 -13.38 29.85 19.60
CA GLU E 98 -14.65 29.13 19.39
C GLU E 98 -15.64 30.00 18.65
N MET E 99 -16.53 29.35 17.88
CA MET E 99 -17.67 30.08 17.28
C MET E 99 -18.41 30.80 18.42
N ARG E 100 -18.85 32.01 18.10
CA ARG E 100 -19.48 32.97 19.01
C ARG E 100 -20.77 32.35 19.56
N ARG E 101 -20.94 32.37 20.87
CA ARG E 101 -22.22 31.99 21.54
C ARG E 101 -23.25 33.13 21.44
N GLY E 102 -24.54 32.77 21.43
CA GLY E 102 -25.68 33.71 21.42
C GLY E 102 -26.01 34.22 22.84
N TYR E 103 -25.13 33.99 23.82
CA TYR E 103 -25.26 34.50 25.20
C TYR E 103 -23.87 34.99 25.70
N SER E 104 -23.89 35.84 26.71
CA SER E 104 -22.76 36.15 27.60
C SER E 104 -22.62 35.07 28.68
N GLY E 105 -21.42 34.89 29.22
CA GLY E 105 -21.13 33.99 30.34
C GLY E 105 -20.77 32.62 29.80
N TYR E 106 -20.92 31.56 30.59
CA TYR E 106 -20.22 30.29 30.32
C TYR E 106 -21.19 29.15 30.57
N ASP E 107 -20.86 27.99 30.05
CA ASP E 107 -21.69 26.79 30.28
C ASP E 107 -20.87 25.56 29.93
N TYR E 108 -20.53 24.78 30.96
CA TYR E 108 -19.73 23.56 30.91
C TYR E 108 -20.47 22.59 30.00
N TRP E 109 -21.78 22.73 29.87
CA TRP E 109 -22.62 21.75 29.12
C TRP E 109 -22.78 22.17 27.67
N ASP E 110 -22.12 23.25 27.24
CA ASP E 110 -22.27 23.78 25.87
C ASP E 110 -20.87 23.96 25.26
N LEU E 111 -20.56 23.28 24.14
CA LEU E 111 -19.24 23.33 23.48
C LEU E 111 -19.43 23.80 22.02
N TYR E 112 -18.41 24.45 21.47
CA TYR E 112 -18.45 25.10 20.14
C TYR E 112 -17.19 24.68 19.37
N ALA E 113 -17.32 24.62 18.06
CA ALA E 113 -16.27 24.35 17.05
C ALA E 113 -15.31 25.52 17.00
N PHE E 114 -14.12 25.30 16.46
CA PHE E 114 -13.01 26.29 16.47
C PHE E 114 -12.97 26.95 15.10
N ASP E 115 -13.40 28.20 14.98
CA ASP E 115 -13.52 28.86 13.65
C ASP E 115 -12.25 29.63 13.33
N ILE E 116 -11.44 29.98 14.31
CA ILE E 116 -10.19 30.68 14.00
C ILE E 116 -9.06 30.03 14.78
N TRP E 117 -7.99 29.70 14.05
CA TRP E 117 -6.72 29.12 14.51
C TRP E 117 -5.58 30.10 14.28
N GLY E 118 -4.65 30.15 15.21
CA GLY E 118 -3.33 30.71 14.89
C GLY E 118 -2.59 29.82 13.91
N GLN E 119 -1.44 30.32 13.47
CA GLN E 119 -0.60 29.68 12.45
C GLN E 119 0.01 28.43 13.08
N GLY E 120 0.18 28.39 14.40
CA GLY E 120 0.83 27.29 15.14
C GLY E 120 2.31 27.60 15.39
N THR E 121 2.84 27.17 16.52
CA THR E 121 4.29 27.25 16.76
C THR E 121 4.81 25.92 17.26
N MET E 122 5.91 25.55 16.63
CA MET E 122 6.70 24.33 16.91
C MET E 122 7.42 24.59 18.24
N VAL E 123 7.24 23.65 19.16
CA VAL E 123 8.02 23.60 20.41
C VAL E 123 8.69 22.24 20.48
N THR E 124 10.00 22.26 20.61
CA THR E 124 10.80 21.05 20.81
C THR E 124 11.22 20.96 22.28
N VAL E 125 11.00 19.80 22.89
CA VAL E 125 11.54 19.54 24.23
C VAL E 125 12.84 18.75 24.04
N SER E 126 13.98 19.34 24.39
CA SER E 126 15.34 18.78 24.13
C SER E 126 16.33 19.42 25.11
N SER E 127 17.35 18.68 25.49
CA SER E 127 18.41 19.23 26.37
C SER E 127 19.45 19.93 25.50
N ALA E 128 19.40 19.71 24.18
CA ALA E 128 20.40 20.21 23.20
C ALA E 128 20.17 21.70 22.94
N SER E 129 21.22 22.36 22.51
CA SER E 129 21.31 23.83 22.34
C SER E 129 20.87 24.20 20.93
N THR E 130 20.41 25.43 20.75
CA THR E 130 20.07 25.98 19.43
C THR E 130 21.35 26.12 18.61
N LYS E 131 21.22 25.88 17.33
CA LYS E 131 22.40 25.94 16.43
C LYS E 131 21.86 26.42 15.08
N GLY E 132 22.49 27.45 14.53
CA GLY E 132 22.10 28.02 13.24
C GLY E 132 22.62 27.14 12.11
N PRO E 133 21.95 27.16 10.94
CA PRO E 133 22.31 26.32 9.81
C PRO E 133 23.52 26.85 9.02
N SER E 134 24.13 25.97 8.27
CA SER E 134 25.08 26.36 7.21
C SER E 134 24.33 26.22 5.89
N VAL E 135 24.58 27.12 4.96
CA VAL E 135 23.80 27.13 3.71
C VAL E 135 24.78 26.93 2.57
N PHE E 136 24.48 26.02 1.66
CA PHE E 136 25.38 25.77 0.50
C PHE E 136 24.60 25.86 -0.80
N PRO E 137 25.20 26.41 -1.87
CA PRO E 137 24.57 26.44 -3.18
C PRO E 137 24.41 25.06 -3.81
N LEU E 138 23.27 24.78 -4.46
CA LEU E 138 23.13 23.65 -5.40
C LEU E 138 23.08 24.24 -6.80
N ALA E 139 24.20 24.17 -7.51
CA ALA E 139 24.41 24.81 -8.82
C ALA E 139 23.99 23.85 -9.92
N PRO E 140 23.31 24.35 -10.97
CA PRO E 140 22.82 23.54 -12.08
C PRO E 140 23.59 22.26 -12.44
N GLY E 148 16.58 22.99 -21.98
CA GLY E 148 15.25 23.57 -21.70
C GLY E 148 15.15 24.12 -20.28
N THR E 149 14.93 23.21 -19.31
CA THR E 149 14.71 23.51 -17.87
C THR E 149 16.02 23.29 -17.09
N ALA E 150 16.34 24.16 -16.15
CA ALA E 150 17.45 23.95 -15.20
C ALA E 150 16.87 23.93 -13.78
N ALA E 151 17.54 23.20 -12.89
CA ALA E 151 17.22 23.10 -11.45
C ALA E 151 18.33 23.79 -10.67
N LEU E 152 17.99 24.44 -9.59
CA LEU E 152 19.04 24.99 -8.70
C LEU E 152 18.44 25.04 -7.31
N GLY E 153 19.29 25.18 -6.30
CA GLY E 153 18.82 25.06 -4.93
C GLY E 153 19.79 25.54 -3.88
N CYS E 154 19.41 25.31 -2.64
CA CYS E 154 20.20 25.61 -1.44
C CYS E 154 20.00 24.41 -0.53
N LEU E 155 21.09 23.93 -0.03
CA LEU E 155 21.14 22.91 1.04
C LEU E 155 21.28 23.69 2.34
N VAL E 156 20.45 23.36 3.29
CA VAL E 156 20.37 24.08 4.59
C VAL E 156 20.68 23.03 5.63
N LYS E 157 21.88 23.03 6.21
CA LYS E 157 22.17 21.89 7.09
C LYS E 157 22.71 22.24 8.49
N ASP E 158 22.52 21.23 9.36
CA ASP E 158 23.03 21.14 10.74
C ASP E 158 22.43 22.27 11.60
N TYR E 159 21.11 22.41 11.58
CA TYR E 159 20.44 23.40 12.45
C TYR E 159 19.57 22.64 13.45
N PHE E 160 19.26 23.33 14.54
CA PHE E 160 18.41 22.82 15.64
C PHE E 160 17.91 24.02 16.41
N PRO E 161 16.62 24.03 16.81
CA PRO E 161 15.63 23.05 16.35
C PRO E 161 14.95 23.54 15.06
N GLU E 162 13.86 22.88 14.69
CA GLU E 162 12.89 23.32 13.68
C GLU E 162 12.19 24.56 14.22
N PRO E 163 11.69 25.48 13.37
CA PRO E 163 11.76 25.34 11.92
C PRO E 163 12.81 26.23 11.27
N VAL E 164 13.03 26.02 9.99
CA VAL E 164 13.76 26.98 9.14
C VAL E 164 12.79 27.41 8.04
N THR E 165 12.88 28.64 7.53
CA THR E 165 12.06 29.06 6.36
C THR E 165 13.03 29.37 5.22
N VAL E 166 12.63 29.03 4.01
CA VAL E 166 13.36 29.36 2.76
C VAL E 166 12.43 30.12 1.83
N SER E 167 12.89 31.23 1.29
CA SER E 167 12.18 31.88 0.16
C SER E 167 13.20 32.07 -0.94
N TRP E 168 12.74 32.48 -2.10
CA TRP E 168 13.62 32.77 -3.24
C TRP E 168 13.36 34.18 -3.73
N ASN E 169 14.43 34.96 -3.92
CA ASN E 169 14.36 36.37 -4.37
C ASN E 169 13.35 37.14 -3.52
N SER E 170 13.49 37.03 -2.20
CA SER E 170 12.65 37.68 -1.16
C SER E 170 11.15 37.43 -1.38
N GLY E 171 10.73 36.26 -1.92
CA GLY E 171 9.30 35.96 -2.11
C GLY E 171 8.81 36.29 -3.51
N ALA E 172 9.64 36.83 -4.38
CA ALA E 172 9.27 37.14 -5.78
C ALA E 172 9.26 35.84 -6.63
N LEU E 173 10.06 34.83 -6.27
CA LEU E 173 10.06 33.56 -7.05
C LEU E 173 9.42 32.48 -6.19
N THR E 174 8.21 32.07 -6.55
CA THR E 174 7.42 31.02 -5.85
C THR E 174 7.12 29.84 -6.78
N SER E 175 7.11 30.04 -8.09
CA SER E 175 6.63 29.02 -9.05
C SER E 175 7.77 28.01 -9.30
N GLY E 176 7.45 26.72 -9.13
CA GLY E 176 8.42 25.63 -9.29
C GLY E 176 9.36 25.53 -8.09
N VAL E 177 9.07 26.16 -6.95
CA VAL E 177 9.89 26.06 -5.72
C VAL E 177 9.50 24.78 -4.98
N HIS E 178 10.45 23.95 -4.60
CA HIS E 178 10.11 22.85 -3.67
C HIS E 178 11.07 22.91 -2.50
N THR E 179 10.50 23.05 -1.32
CA THR E 179 11.26 23.05 -0.06
C THR E 179 10.88 21.75 0.64
N PHE E 180 11.83 20.82 0.67
CA PHE E 180 11.72 19.46 1.23
C PHE E 180 11.54 19.55 2.74
N PRO E 181 10.73 18.67 3.33
CA PRO E 181 10.66 18.52 4.79
C PRO E 181 12.08 18.20 5.27
N ALA E 182 12.42 18.66 6.45
CA ALA E 182 13.72 18.42 7.09
C ALA E 182 13.84 16.94 7.44
N VAL E 183 15.06 16.46 7.47
CA VAL E 183 15.45 15.12 7.97
C VAL E 183 16.31 15.31 9.22
N LEU E 184 15.93 14.63 10.32
CA LEU E 184 16.77 14.57 11.56
C LEU E 184 17.97 13.64 11.31
N GLN E 185 19.19 14.14 11.39
CA GLN E 185 20.44 13.34 11.27
C GLN E 185 20.66 12.63 12.61
N SER E 186 21.51 11.58 12.63
CA SER E 186 21.92 10.81 13.84
C SER E 186 22.65 11.75 14.81
N SER E 187 23.34 12.77 14.27
CA SER E 187 23.92 13.92 15.02
C SER E 187 22.85 14.61 15.86
N GLY E 188 21.56 14.44 15.55
CA GLY E 188 20.46 15.11 16.28
C GLY E 188 20.20 16.53 15.76
N LEU E 189 20.86 16.91 14.67
CA LEU E 189 20.56 18.16 13.94
C LEU E 189 19.68 17.82 12.74
N TYR E 190 19.16 18.86 12.09
CA TYR E 190 18.25 18.81 10.93
C TYR E 190 18.96 19.34 9.69
N SER E 191 18.50 18.87 8.54
CA SER E 191 18.93 19.32 7.20
C SER E 191 17.76 19.25 6.25
N LEU E 192 17.78 20.15 5.29
CA LEU E 192 16.83 20.07 4.16
C LEU E 192 17.47 20.79 3.00
N SER E 193 16.88 20.57 1.83
CA SER E 193 17.12 21.35 0.59
C SER E 193 15.87 22.11 0.19
N SER E 194 16.08 23.25 -0.44
CA SER E 194 15.08 23.99 -1.23
C SER E 194 15.60 24.04 -2.66
N VAL E 195 14.76 23.72 -3.61
CA VAL E 195 15.13 23.74 -5.04
C VAL E 195 14.06 24.51 -5.81
N VAL E 196 14.40 24.99 -6.98
CA VAL E 196 13.45 25.69 -7.87
C VAL E 196 13.86 25.32 -9.30
N THR E 197 12.89 25.15 -10.20
CA THR E 197 13.15 24.93 -11.65
C THR E 197 12.87 26.23 -12.41
N VAL E 198 13.73 26.54 -13.35
CA VAL E 198 13.76 27.85 -14.07
C VAL E 198 14.21 27.59 -15.49
N PRO E 199 13.89 28.47 -16.45
CA PRO E 199 14.36 28.30 -17.82
C PRO E 199 15.89 28.32 -17.85
N SER E 200 16.55 27.35 -18.52
CA SER E 200 18.03 27.29 -18.61
C SER E 200 18.52 28.52 -19.38
N SER E 201 17.66 29.06 -20.24
CA SER E 201 17.79 30.35 -20.96
C SER E 201 17.95 31.58 -20.02
N SER E 202 17.53 31.50 -18.75
CA SER E 202 17.56 32.64 -17.80
C SER E 202 18.88 32.67 -17.00
N LEU E 203 19.66 31.58 -17.05
CA LEU E 203 20.88 31.44 -16.23
C LEU E 203 21.93 32.44 -16.72
N GLY E 204 22.61 33.14 -15.82
CA GLY E 204 23.70 34.06 -16.17
C GLY E 204 23.24 35.50 -16.36
N THR E 205 21.92 35.75 -16.56
CA THR E 205 21.32 37.11 -16.58
C THR E 205 20.43 37.31 -15.33
N GLN E 206 19.62 36.32 -14.97
CA GLN E 206 18.66 36.40 -13.84
C GLN E 206 19.36 36.03 -12.55
N THR E 207 19.07 36.76 -11.48
CA THR E 207 19.67 36.50 -10.13
C THR E 207 18.75 35.58 -9.34
N TYR E 208 19.31 34.57 -8.71
CA TYR E 208 18.59 33.61 -7.84
C TYR E 208 19.30 33.61 -6.50
N ILE E 209 18.53 33.95 -5.48
CA ILE E 209 19.06 34.11 -4.11
C ILE E 209 18.12 33.28 -3.29
N CYS E 210 18.65 32.37 -2.47
CA CYS E 210 17.81 31.73 -1.44
C CYS E 210 17.99 32.49 -0.13
N ASN E 211 16.86 32.92 0.40
CA ASN E 211 16.73 33.61 1.69
C ASN E 211 16.41 32.55 2.75
N VAL E 212 17.33 32.30 3.66
CA VAL E 212 17.15 31.32 4.75
C VAL E 212 17.03 32.10 6.06
N ASN E 213 16.05 31.74 6.88
N ASN E 213 16.05 31.72 6.85
CA ASN E 213 15.82 32.33 8.22
CA ASN E 213 15.76 32.29 8.20
C ASN E 213 15.63 31.18 9.21
C ASN E 213 15.68 31.12 9.18
N HIS E 214 16.37 31.19 10.30
CA HIS E 214 16.26 30.24 11.43
C HIS E 214 16.04 31.07 12.70
N LYS E 215 14.78 31.39 13.00
CA LYS E 215 14.34 32.28 14.11
C LYS E 215 14.99 31.87 15.43
N PRO E 216 15.04 30.58 15.83
CA PRO E 216 15.60 30.20 17.13
C PRO E 216 17.06 30.66 17.37
N SER E 217 17.87 30.80 16.30
CA SER E 217 19.28 31.28 16.37
C SER E 217 19.41 32.70 15.79
N ASN E 218 18.33 33.32 15.28
CA ASN E 218 18.36 34.59 14.52
C ASN E 218 19.45 34.51 13.45
N THR E 219 19.58 33.37 12.79
CA THR E 219 20.44 33.22 11.58
C THR E 219 19.60 33.63 10.39
N LYS E 220 20.06 34.61 9.66
CA LYS E 220 19.56 34.95 8.32
C LYS E 220 20.73 34.77 7.37
N VAL E 221 20.50 34.13 6.22
CA VAL E 221 21.50 34.04 5.14
C VAL E 221 20.79 34.25 3.79
N ASP E 222 21.40 35.07 2.95
CA ASP E 222 21.00 35.28 1.55
C ASP E 222 22.20 34.79 0.75
N LYS E 223 22.02 33.65 0.07
CA LYS E 223 23.06 33.04 -0.81
C LYS E 223 22.61 33.15 -2.26
N LYS E 224 23.39 33.82 -3.08
CA LYS E 224 23.24 33.88 -4.56
C LYS E 224 23.68 32.51 -5.12
N VAL E 225 22.87 31.90 -5.99
CA VAL E 225 23.21 30.59 -6.60
C VAL E 225 23.52 30.84 -8.07
N GLU E 226 24.79 30.73 -8.45
CA GLU E 226 25.31 30.94 -9.83
C GLU E 226 25.55 29.59 -10.51
N PRO E 227 25.40 29.52 -11.85
CA PRO E 227 25.94 28.39 -12.60
C PRO E 227 27.44 28.17 -12.31
N LYS E 228 27.86 26.93 -12.08
CA LYS E 228 29.28 26.56 -11.83
C LYS E 228 29.92 26.17 -13.17
N ASP F 1 -13.19 10.18 26.79
CA ASP F 1 -14.53 9.79 27.33
C ASP F 1 -15.47 9.51 26.15
N ILE F 2 -15.58 10.44 25.20
CA ILE F 2 -16.19 10.12 23.89
C ILE F 2 -15.07 9.93 22.87
N GLN F 3 -15.06 8.75 22.24
CA GLN F 3 -14.09 8.29 21.21
C GLN F 3 -14.73 8.46 19.83
N LEU F 4 -13.94 8.94 18.88
CA LEU F 4 -14.33 9.12 17.47
C LEU F 4 -13.38 8.30 16.62
N THR F 5 -13.91 7.51 15.70
CA THR F 5 -13.11 6.78 14.72
C THR F 5 -13.61 7.15 13.35
N GLN F 6 -12.67 7.42 12.46
CA GLN F 6 -12.94 7.85 11.07
C GLN F 6 -12.63 6.68 10.17
N SER F 7 -13.18 6.70 8.98
CA SER F 7 -13.01 5.63 7.99
C SER F 7 -13.26 6.24 6.63
N PRO F 8 -12.40 6.06 5.63
CA PRO F 8 -11.11 5.40 5.79
C PRO F 8 -10.10 6.28 6.52
N SER F 9 -8.93 5.72 6.86
CA SER F 9 -7.77 6.41 7.42
C SER F 9 -6.95 7.05 6.30
N PHE F 10 -6.96 6.45 5.10
CA PHE F 10 -6.24 6.92 3.91
C PHE F 10 -6.99 6.47 2.67
N LEU F 11 -7.03 7.34 1.67
CA LEU F 11 -7.77 7.06 0.44
C LEU F 11 -7.15 7.93 -0.64
N SER F 12 -6.91 7.36 -1.81
CA SER F 12 -6.70 8.16 -3.05
C SER F 12 -7.98 8.09 -3.88
N ALA F 13 -8.36 9.21 -4.48
CA ALA F 13 -9.52 9.27 -5.38
C ALA F 13 -9.24 10.23 -6.52
N SER F 14 -9.94 10.03 -7.62
CA SER F 14 -9.77 10.82 -8.86
C SER F 14 -10.45 12.18 -8.69
N VAL F 15 -9.95 13.18 -9.42
CA VAL F 15 -10.62 14.48 -9.64
C VAL F 15 -12.01 14.20 -10.24
N GLY F 16 -13.03 14.92 -9.79
CA GLY F 16 -14.42 14.78 -10.26
C GLY F 16 -15.18 13.70 -9.51
N ASP F 17 -14.51 12.85 -8.71
CA ASP F 17 -15.17 11.74 -7.94
C ASP F 17 -16.00 12.32 -6.78
N ARG F 18 -16.85 11.47 -6.24
CA ARG F 18 -17.62 11.71 -5.00
C ARG F 18 -16.87 10.96 -3.89
N VAL F 19 -16.50 11.64 -2.83
CA VAL F 19 -15.76 11.03 -1.70
C VAL F 19 -16.58 11.15 -0.44
N THR F 20 -16.67 10.06 0.30
CA THR F 20 -17.35 10.01 1.60
C THR F 20 -16.35 9.60 2.67
N ILE F 21 -16.36 10.30 3.78
CA ILE F 21 -15.48 9.99 4.94
C ILE F 21 -16.45 9.90 6.10
N THR F 22 -16.34 8.88 6.92
CA THR F 22 -17.30 8.68 8.02
C THR F 22 -16.58 8.88 9.34
N CYS F 23 -17.39 9.20 10.31
CA CYS F 23 -16.97 9.41 11.70
C CYS F 23 -17.97 8.64 12.55
N ARG F 24 -17.47 7.80 13.44
CA ARG F 24 -18.29 7.04 14.40
C ARG F 24 -17.98 7.54 15.80
N ALA F 25 -19.01 7.95 16.54
CA ALA F 25 -18.88 8.29 17.97
C ALA F 25 -19.22 7.05 18.79
N SER F 26 -18.50 6.84 19.89
CA SER F 26 -18.68 5.71 20.84
C SER F 26 -19.97 5.85 21.66
N GLN F 27 -20.64 7.00 21.66
CA GLN F 27 -22.02 7.14 22.24
C GLN F 27 -22.74 8.23 21.47
N GLY F 28 -24.05 8.38 21.68
CA GLY F 28 -24.87 9.36 20.95
C GLY F 28 -24.40 10.78 21.23
N ILE F 29 -24.33 11.62 20.20
CA ILE F 29 -23.90 13.04 20.28
C ILE F 29 -24.86 13.94 19.47
N SER F 30 -26.03 13.43 19.09
CA SER F 30 -27.07 14.24 18.40
C SER F 30 -26.46 14.79 17.11
N SER F 31 -26.47 16.11 16.94
CA SER F 31 -25.92 16.80 15.75
C SER F 31 -24.68 17.63 16.16
N TYR F 32 -24.07 17.31 17.31
CA TYR F 32 -22.92 18.06 17.88
C TYR F 32 -21.59 17.51 17.30
N LEU F 33 -21.31 17.83 16.03
CA LEU F 33 -20.19 17.25 15.26
C LEU F 33 -19.69 18.33 14.30
N ALA F 34 -18.37 18.53 14.28
CA ALA F 34 -17.75 19.46 13.32
C ALA F 34 -16.79 18.67 12.46
N TRP F 35 -16.53 19.16 11.25
CA TRP F 35 -15.45 18.66 10.37
C TRP F 35 -14.44 19.77 10.02
N TYR F 36 -13.15 19.43 9.98
CA TYR F 36 -12.02 20.29 9.60
C TYR F 36 -11.26 19.69 8.43
N GLN F 37 -10.76 20.55 7.54
CA GLN F 37 -9.69 20.23 6.55
C GLN F 37 -8.35 20.79 7.03
N GLN F 38 -7.32 19.97 7.16
CA GLN F 38 -5.96 20.45 7.42
C GLN F 38 -5.01 20.12 6.26
N LYS F 39 -4.49 21.17 5.61
CA LYS F 39 -3.43 21.06 4.57
C LYS F 39 -2.08 21.04 5.25
N PRO F 40 -1.05 20.37 4.65
CA PRO F 40 0.32 20.33 5.20
C PRO F 40 0.88 21.70 5.56
N GLY F 41 1.37 21.79 6.80
CA GLY F 41 1.97 23.01 7.38
C GLY F 41 0.96 24.13 7.68
N LYS F 42 -0.35 23.82 7.66
CA LYS F 42 -1.37 24.82 8.04
C LYS F 42 -2.21 24.33 9.22
N ALA F 43 -2.89 25.26 9.85
CA ALA F 43 -3.90 25.01 10.88
C ALA F 43 -5.06 24.29 10.25
N PRO F 44 -5.75 23.39 10.97
CA PRO F 44 -7.04 22.88 10.52
C PRO F 44 -7.99 24.05 10.25
N ASN F 45 -8.92 23.83 9.33
CA ASN F 45 -9.90 24.84 8.85
C ASN F 45 -11.32 24.25 8.93
N LEU F 46 -12.24 25.01 9.51
CA LEU F 46 -13.60 24.54 9.84
C LEU F 46 -14.44 24.51 8.57
N LEU F 47 -14.90 23.33 8.18
CA LEU F 47 -15.71 23.14 6.96
C LEU F 47 -17.21 23.16 7.35
N ILE F 48 -17.60 22.34 8.32
CA ILE F 48 -19.00 22.03 8.71
C ILE F 48 -19.09 22.10 10.24
N TYR F 49 -20.17 22.65 10.78
CA TYR F 49 -20.54 22.51 12.22
C TYR F 49 -22.02 22.07 12.32
N ALA F 50 -22.40 21.63 13.52
CA ALA F 50 -23.74 21.09 13.80
C ALA F 50 -24.07 20.01 12.75
N ALA F 51 -23.08 19.16 12.43
CA ALA F 51 -23.16 17.94 11.57
C ALA F 51 -23.36 18.31 10.09
N SER F 52 -24.13 19.36 9.76
CA SER F 52 -24.52 19.62 8.35
C SER F 52 -24.54 21.09 7.96
N THR F 53 -24.23 22.05 8.82
CA THR F 53 -24.18 23.47 8.44
C THR F 53 -22.79 23.79 7.84
N LEU F 54 -22.78 24.25 6.59
CA LEU F 54 -21.59 24.72 5.87
C LEU F 54 -21.15 26.04 6.47
N GLN F 55 -19.88 26.13 6.86
CA GLN F 55 -19.23 27.36 7.36
C GLN F 55 -19.12 28.30 6.17
N SER F 56 -19.28 29.60 6.40
CA SER F 56 -19.17 30.63 5.33
C SER F 56 -17.74 30.58 4.80
N GLY F 57 -17.54 30.74 3.48
CA GLY F 57 -16.22 30.70 2.82
C GLY F 57 -15.87 29.29 2.35
N VAL F 58 -16.70 28.31 2.62
CA VAL F 58 -16.38 26.90 2.26
C VAL F 58 -17.13 26.59 0.98
N PRO F 59 -16.48 26.11 -0.09
CA PRO F 59 -17.20 25.79 -1.34
C PRO F 59 -18.32 24.76 -1.11
N SER F 60 -19.35 24.82 -1.95
CA SER F 60 -20.61 24.05 -1.78
C SER F 60 -20.40 22.55 -2.06
N ARG F 61 -19.24 22.16 -2.59
CA ARG F 61 -18.94 20.71 -2.82
C ARG F 61 -18.73 19.98 -1.49
N PHE F 62 -18.43 20.68 -0.41
CA PHE F 62 -18.39 20.03 0.92
C PHE F 62 -19.80 20.00 1.47
N SER F 63 -20.22 18.84 1.95
CA SER F 63 -21.48 18.74 2.72
C SER F 63 -21.33 17.67 3.79
N GLY F 64 -22.09 17.81 4.88
CA GLY F 64 -22.10 16.85 6.00
C GLY F 64 -23.50 16.36 6.27
N SER F 65 -23.62 15.14 6.80
CA SER F 65 -24.90 14.56 7.28
C SER F 65 -24.66 13.58 8.45
N GLY F 66 -25.75 13.08 9.03
CA GLY F 66 -25.76 12.08 10.13
C GLY F 66 -26.28 12.70 11.41
N SER F 67 -26.60 11.85 12.38
CA SER F 67 -26.97 12.20 13.78
C SER F 67 -26.71 10.97 14.64
N GLY F 68 -26.74 11.11 15.97
CA GLY F 68 -26.48 9.97 16.88
C GLY F 68 -25.01 9.62 16.93
N THR F 69 -24.59 8.60 16.19
CA THR F 69 -23.23 7.97 16.28
C THR F 69 -22.56 7.84 14.90
N GLU F 70 -23.28 8.08 13.79
CA GLU F 70 -22.77 7.86 12.42
C GLU F 70 -22.85 9.15 11.60
N PHE F 71 -21.71 9.62 11.09
CA PHE F 71 -21.63 10.94 10.43
C PHE F 71 -20.82 10.82 9.16
N THR F 72 -21.20 11.59 8.14
CA THR F 72 -20.56 11.52 6.81
C THR F 72 -20.18 12.92 6.36
N LEU F 73 -18.94 13.06 5.90
CA LEU F 73 -18.50 14.26 5.15
C LEU F 73 -18.47 13.84 3.68
N THR F 74 -19.20 14.54 2.83
CA THR F 74 -19.20 14.22 1.39
C THR F 74 -18.46 15.34 0.68
N ILE F 75 -17.53 14.97 -0.18
CA ILE F 75 -17.01 15.90 -1.20
C ILE F 75 -17.61 15.43 -2.51
N SER F 76 -18.56 16.15 -3.05
CA SER F 76 -19.00 15.88 -4.44
C SER F 76 -17.90 16.50 -5.31
N SER F 77 -17.59 15.95 -6.48
CA SER F 77 -16.68 16.59 -7.46
C SER F 77 -15.31 16.97 -6.83
N LEU F 78 -14.50 15.97 -6.48
CA LEU F 78 -13.17 16.16 -5.83
C LEU F 78 -12.27 17.02 -6.72
N GLN F 79 -11.55 17.97 -6.12
CA GLN F 79 -10.65 18.92 -6.80
C GLN F 79 -9.22 18.63 -6.37
N PRO F 80 -8.21 19.00 -7.19
CA PRO F 80 -6.83 18.72 -6.83
C PRO F 80 -6.46 19.41 -5.52
N GLU F 81 -7.04 20.57 -5.23
CA GLU F 81 -6.66 21.34 -4.00
C GLU F 81 -7.30 20.69 -2.76
N ASP F 82 -8.12 19.66 -2.88
CA ASP F 82 -8.78 19.00 -1.72
C ASP F 82 -7.85 17.99 -1.06
N PHE F 83 -6.66 17.83 -1.61
CA PHE F 83 -5.58 17.10 -0.93
C PHE F 83 -5.43 17.64 0.49
N ALA F 84 -5.57 16.79 1.49
CA ALA F 84 -5.55 17.14 2.92
C ALA F 84 -5.81 15.96 3.83
N THR F 85 -5.63 16.22 5.11
CA THR F 85 -6.16 15.41 6.24
C THR F 85 -7.45 16.05 6.78
N TYR F 86 -8.54 15.27 6.86
CA TYR F 86 -9.88 15.69 7.36
C TYR F 86 -10.09 15.09 8.74
N TYR F 87 -10.66 15.87 9.64
CA TYR F 87 -10.80 15.56 11.09
C TYR F 87 -12.25 15.85 11.49
N CYS F 88 -12.90 14.93 12.21
CA CYS F 88 -14.17 15.18 12.88
C CYS F 88 -13.85 15.52 14.34
N GLN F 89 -14.77 16.25 14.97
CA GLN F 89 -14.70 16.71 16.37
C GLN F 89 -16.10 16.58 16.96
N GLN F 90 -16.21 16.15 18.20
CA GLN F 90 -17.51 16.06 18.89
C GLN F 90 -17.65 17.28 19.79
N LEU F 91 -18.86 17.85 19.83
CA LEU F 91 -19.16 19.07 20.63
C LEU F 91 -20.26 18.68 21.62
N ASN F 92 -20.33 17.40 22.00
CA ASN F 92 -21.36 16.91 22.95
C ASN F 92 -20.98 17.26 24.38
N SER F 93 -19.74 16.98 24.82
CA SER F 93 -19.32 17.13 26.23
C SER F 93 -17.81 17.10 26.34
N TYR F 94 -17.31 17.76 27.36
CA TYR F 94 -15.89 17.74 27.74
C TYR F 94 -15.51 16.32 28.14
N PRO F 95 -14.29 15.83 27.84
CA PRO F 95 -13.28 16.60 27.08
C PRO F 95 -13.55 16.70 25.57
N HIS F 96 -13.15 17.79 24.91
CA HIS F 96 -13.12 17.89 23.43
C HIS F 96 -12.32 16.70 22.92
N THR F 97 -12.82 15.96 21.94
CA THR F 97 -12.03 14.88 21.29
C THR F 97 -12.14 15.02 19.76
N PHE F 98 -11.15 14.52 19.05
CA PHE F 98 -11.16 14.50 17.57
C PHE F 98 -11.01 13.07 17.08
N GLY F 99 -11.51 12.75 15.90
CA GLY F 99 -11.11 11.49 15.26
C GLY F 99 -9.66 11.52 14.86
N GLN F 100 -9.16 10.41 14.32
CA GLN F 100 -7.68 10.23 14.15
C GLN F 100 -7.23 10.87 12.84
N GLY F 101 -8.16 11.32 12.00
CA GLY F 101 -7.78 11.93 10.73
C GLY F 101 -7.90 10.94 9.60
N THR F 102 -8.31 11.47 8.45
CA THR F 102 -8.44 10.73 7.19
C THR F 102 -7.63 11.52 6.19
N LYS F 103 -6.58 10.89 5.64
CA LYS F 103 -5.67 11.51 4.65
C LYS F 103 -6.20 11.19 3.25
N LEU F 104 -6.47 12.23 2.48
CA LEU F 104 -6.99 12.10 1.13
C LEU F 104 -5.95 12.57 0.13
N GLU F 105 -5.48 11.67 -0.73
CA GLU F 105 -4.54 11.97 -1.84
C GLU F 105 -5.31 11.90 -3.16
N ILE F 106 -4.91 12.75 -4.09
CA ILE F 106 -5.51 12.85 -5.44
C ILE F 106 -4.80 11.91 -6.40
N LYS F 107 -5.55 11.02 -7.05
CA LYS F 107 -5.05 10.25 -8.23
C LYS F 107 -4.93 11.17 -9.43
N ARG F 108 -3.98 10.89 -10.32
CA ARG F 108 -3.82 11.61 -11.62
C ARG F 108 -3.10 10.66 -12.57
N THR F 109 -2.77 11.12 -13.77
CA THR F 109 -2.04 10.31 -14.79
C THR F 109 -0.59 10.14 -14.32
N VAL F 110 0.02 9.07 -14.77
CA VAL F 110 1.44 8.72 -14.52
C VAL F 110 2.24 9.91 -15.03
N ALA F 111 3.21 10.36 -14.24
CA ALA F 111 4.17 11.38 -14.67
C ALA F 111 5.57 10.95 -14.25
N ALA F 112 6.49 10.88 -15.20
CA ALA F 112 7.90 10.53 -14.95
C ALA F 112 8.60 11.63 -14.16
N PRO F 113 9.52 11.29 -13.24
CA PRO F 113 10.38 12.31 -12.64
C PRO F 113 11.31 12.89 -13.70
N SER F 114 11.57 14.18 -13.66
CA SER F 114 12.75 14.81 -14.29
C SER F 114 13.88 14.80 -13.27
N VAL F 115 15.03 14.30 -13.64
CA VAL F 115 16.13 13.99 -12.69
C VAL F 115 17.25 15.01 -12.89
N PHE F 116 17.83 15.51 -11.81
CA PHE F 116 18.96 16.46 -11.82
C PHE F 116 19.91 16.01 -10.73
N ILE F 117 21.22 16.19 -10.95
CA ILE F 117 22.22 15.79 -9.93
C ILE F 117 23.08 17.00 -9.61
N PHE F 118 23.39 17.21 -8.33
CA PHE F 118 24.17 18.36 -7.85
C PHE F 118 25.43 17.85 -7.15
N PRO F 119 26.63 18.20 -7.67
CA PRO F 119 27.87 17.90 -6.97
C PRO F 119 27.91 18.77 -5.73
N PRO F 120 28.67 18.43 -4.68
CA PRO F 120 28.85 19.34 -3.55
C PRO F 120 29.55 20.65 -3.95
N SER F 121 29.27 21.71 -3.21
CA SER F 121 29.85 23.04 -3.41
C SER F 121 31.28 22.99 -2.91
N ASP F 122 32.15 23.79 -3.51
CA ASP F 122 33.50 24.05 -2.97
C ASP F 122 33.42 24.44 -1.48
N GLU F 123 32.47 25.30 -1.12
CA GLU F 123 32.35 25.81 0.27
C GLU F 123 32.18 24.60 1.20
N GLN F 124 31.26 23.70 0.90
CA GLN F 124 31.01 22.58 1.83
C GLN F 124 32.28 21.74 1.94
N LEU F 125 32.92 21.40 0.81
CA LEU F 125 34.14 20.57 0.76
C LEU F 125 35.20 21.12 1.72
N LYS F 126 35.39 22.44 1.79
CA LYS F 126 36.38 23.07 2.73
C LYS F 126 36.03 22.78 4.20
N SER F 127 34.74 22.67 4.55
CA SER F 127 34.24 22.28 5.91
C SER F 127 34.46 20.78 6.17
N GLY F 128 34.87 20.01 5.16
CA GLY F 128 35.31 18.61 5.32
C GLY F 128 34.21 17.60 5.04
N THR F 129 33.06 18.03 4.53
CA THR F 129 31.91 17.18 4.14
C THR F 129 31.54 17.44 2.68
N ALA F 130 31.00 16.42 2.03
CA ALA F 130 30.48 16.46 0.64
C ALA F 130 29.09 15.83 0.64
N SER F 131 28.09 16.65 0.38
CA SER F 131 26.70 16.19 0.13
C SER F 131 26.47 16.18 -1.37
N VAL F 132 26.05 15.06 -1.93
CA VAL F 132 25.64 14.96 -3.35
C VAL F 132 24.14 14.78 -3.33
N VAL F 133 23.47 15.53 -4.19
CA VAL F 133 21.98 15.57 -4.15
C VAL F 133 21.44 15.15 -5.51
N CYS F 134 20.42 14.30 -5.43
CA CYS F 134 19.66 13.80 -6.60
C CYS F 134 18.22 14.29 -6.43
N LEU F 135 17.74 15.04 -7.39
CA LEU F 135 16.37 15.61 -7.35
C LEU F 135 15.51 14.88 -8.38
N LEU F 136 14.41 14.32 -7.92
CA LEU F 136 13.34 13.76 -8.79
C LEU F 136 12.19 14.73 -8.72
N ASN F 137 11.95 15.44 -9.80
CA ASN F 137 10.97 16.54 -9.79
C ASN F 137 9.66 16.16 -10.50
N ASN F 138 8.54 16.44 -9.81
CA ASN F 138 7.17 16.46 -10.36
C ASN F 138 6.80 15.09 -10.98
N PHE F 139 6.68 14.06 -10.17
CA PHE F 139 6.35 12.70 -10.66
C PHE F 139 5.10 12.19 -9.92
N TYR F 140 4.51 11.15 -10.49
CA TYR F 140 3.31 10.47 -9.94
C TYR F 140 3.26 9.08 -10.57
N PRO F 141 2.96 7.99 -9.84
CA PRO F 141 2.75 8.00 -8.39
C PRO F 141 4.02 8.20 -7.55
N ARG F 142 3.89 8.07 -6.24
CA ARG F 142 4.96 8.36 -5.25
C ARG F 142 6.05 7.30 -5.26
N GLU F 143 5.72 6.03 -5.55
CA GLU F 143 6.70 4.91 -5.55
C GLU F 143 7.85 5.31 -6.48
N ALA F 144 9.06 5.41 -5.94
CA ALA F 144 10.28 5.71 -6.75
C ALA F 144 11.45 5.00 -6.10
N LYS F 145 12.43 4.65 -6.92
CA LYS F 145 13.67 4.00 -6.45
C LYS F 145 14.84 4.84 -6.95
N VAL F 146 15.74 5.20 -6.04
CA VAL F 146 16.99 5.93 -6.33
C VAL F 146 18.16 5.09 -5.84
N GLN F 147 19.11 4.81 -6.74
CA GLN F 147 20.36 4.10 -6.41
C GLN F 147 21.54 5.00 -6.71
N TRP F 148 22.46 5.06 -5.75
CA TRP F 148 23.75 5.77 -5.88
C TRP F 148 24.82 4.79 -6.41
N LYS F 149 25.50 5.18 -7.48
CA LYS F 149 26.64 4.47 -8.06
C LYS F 149 27.86 5.39 -8.00
N VAL F 150 28.94 4.85 -7.50
CA VAL F 150 30.20 5.63 -7.36
C VAL F 150 31.28 4.81 -8.07
N ASP F 151 31.72 5.27 -9.25
CA ASP F 151 32.61 4.56 -10.18
C ASP F 151 32.03 3.18 -10.41
N ASN F 152 30.71 3.12 -10.57
CA ASN F 152 29.91 1.91 -10.88
C ASN F 152 29.78 0.96 -9.70
N ALA F 153 30.22 1.27 -8.48
CA ALA F 153 29.88 0.46 -7.27
C ALA F 153 28.56 0.99 -6.69
N LEU F 154 27.67 0.13 -6.22
CA LEU F 154 26.46 0.54 -5.47
C LEU F 154 26.92 1.03 -4.11
N GLN F 155 26.70 2.31 -3.84
CA GLN F 155 27.07 2.96 -2.56
C GLN F 155 25.79 3.35 -1.83
N SER F 156 25.46 2.60 -0.77
CA SER F 156 24.09 2.43 -0.20
C SER F 156 23.95 3.02 1.23
N GLY F 157 25.06 3.29 1.92
CA GLY F 157 25.11 3.42 3.39
C GLY F 157 24.59 4.74 3.94
N ASN F 158 25.04 5.85 3.37
CA ASN F 158 24.83 7.19 4.01
C ASN F 158 23.99 8.09 3.08
N SER F 159 22.83 7.61 2.68
CA SER F 159 21.87 8.38 1.85
C SER F 159 20.53 8.52 2.57
N GLN F 160 19.86 9.65 2.33
CA GLN F 160 18.54 9.95 2.94
C GLN F 160 17.63 10.51 1.87
N GLU F 161 16.35 10.19 1.96
CA GLU F 161 15.33 10.65 1.01
C GLU F 161 14.40 11.57 1.80
N SER F 162 13.89 12.58 1.13
CA SER F 162 12.80 13.44 1.63
C SER F 162 11.85 13.67 0.45
N VAL F 163 10.56 13.59 0.69
CA VAL F 163 9.53 13.74 -0.37
C VAL F 163 8.67 14.93 0.01
N THR F 164 8.32 15.78 -0.93
CA THR F 164 7.30 16.82 -0.72
C THR F 164 5.93 16.15 -0.60
N GLU F 165 5.06 16.84 0.10
CA GLU F 165 3.59 16.61 0.05
C GLU F 165 3.10 16.82 -1.39
N GLN F 166 2.03 16.13 -1.72
CA GLN F 166 1.43 16.20 -3.06
C GLN F 166 1.17 17.67 -3.36
N ASP F 167 1.51 18.11 -4.55
CA ASP F 167 1.23 19.47 -5.05
C ASP F 167 -0.28 19.69 -5.18
N SER F 168 -0.76 20.87 -4.75
CA SER F 168 -2.21 21.14 -4.67
C SER F 168 -2.74 21.56 -6.04
N LYS F 169 -1.87 21.87 -7.01
CA LYS F 169 -2.32 22.18 -8.41
C LYS F 169 -2.13 20.97 -9.35
N ASP F 170 -0.97 20.30 -9.39
CA ASP F 170 -0.66 19.29 -10.45
C ASP F 170 -0.69 17.85 -9.87
N SER F 171 -0.87 17.72 -8.55
CA SER F 171 -0.96 16.47 -7.76
C SER F 171 0.33 15.63 -7.87
N THR F 172 1.46 16.22 -8.24
CA THR F 172 2.75 15.50 -8.35
C THR F 172 3.52 15.56 -7.01
N TYR F 173 4.53 14.70 -6.89
CA TYR F 173 5.50 14.67 -5.78
C TYR F 173 6.85 15.09 -6.36
N SER F 174 7.75 15.52 -5.48
CA SER F 174 9.19 15.68 -5.78
C SER F 174 9.95 15.02 -4.67
N LEU F 175 11.14 14.51 -4.98
CA LEU F 175 11.94 13.75 -3.99
C LEU F 175 13.38 14.20 -4.11
N SER F 176 14.06 14.23 -2.97
CA SER F 176 15.51 14.50 -2.86
C SER F 176 16.18 13.28 -2.25
N SER F 177 17.27 12.81 -2.85
CA SER F 177 18.13 11.81 -2.20
C SER F 177 19.49 12.49 -2.03
N THR F 178 20.00 12.51 -0.80
CA THR F 178 21.27 13.14 -0.40
C THR F 178 22.25 12.05 0.02
N LEU F 179 23.39 11.99 -0.64
CA LEU F 179 24.50 11.09 -0.30
C LEU F 179 25.55 11.94 0.40
N THR F 180 25.85 11.66 1.66
CA THR F 180 26.87 12.43 2.43
C THR F 180 28.11 11.59 2.68
N LEU F 181 29.27 12.07 2.25
CA LEU F 181 30.59 11.47 2.50
C LEU F 181 31.50 12.53 3.17
N SER F 182 32.49 12.11 3.96
CA SER F 182 33.66 12.95 4.35
C SER F 182 34.30 13.45 3.06
N LYS F 183 35.03 14.57 3.12
CA LYS F 183 35.85 15.09 1.99
C LYS F 183 36.83 13.99 1.55
N ALA F 184 37.44 13.25 2.47
CA ALA F 184 38.46 12.21 2.15
C ALA F 184 37.79 11.06 1.36
N ASP F 185 36.65 10.57 1.82
CA ASP F 185 35.86 9.52 1.09
C ASP F 185 35.43 10.05 -0.28
N TYR F 186 34.96 11.31 -0.38
CA TYR F 186 34.49 11.92 -1.65
C TYR F 186 35.63 11.91 -2.68
N GLU F 187 36.86 12.24 -2.23
CA GLU F 187 38.06 12.29 -3.09
C GLU F 187 38.55 10.91 -3.55
N LYS F 188 38.06 9.80 -2.99
CA LYS F 188 38.48 8.45 -3.45
C LYS F 188 37.83 8.10 -4.78
N HIS F 189 36.82 8.86 -5.26
CA HIS F 189 36.02 8.39 -6.44
C HIS F 189 35.94 9.47 -7.49
N LYS F 190 35.74 9.07 -8.74
CA LYS F 190 35.65 10.00 -9.90
C LYS F 190 34.18 10.23 -10.26
N VAL F 191 33.39 9.20 -10.53
CA VAL F 191 32.08 9.34 -11.23
C VAL F 191 30.99 9.08 -10.20
N TYR F 192 30.11 10.04 -10.03
CA TYR F 192 29.00 10.03 -9.06
C TYR F 192 27.76 9.99 -9.92
N ALA F 193 26.83 9.11 -9.62
CA ALA F 193 25.63 8.89 -10.46
C ALA F 193 24.48 8.49 -9.55
N CYS F 194 23.32 9.05 -9.81
CA CYS F 194 22.06 8.47 -9.28
C CYS F 194 21.29 7.90 -10.46
N GLU F 195 20.79 6.72 -10.21
CA GLU F 195 19.99 5.93 -11.15
C GLU F 195 18.59 5.88 -10.57
N VAL F 196 17.61 6.30 -11.37
CA VAL F 196 16.20 6.41 -10.91
C VAL F 196 15.33 5.40 -11.66
N THR F 197 14.49 4.70 -10.92
CA THR F 197 13.47 3.76 -11.41
C THR F 197 12.11 4.30 -10.98
N HIS F 198 11.17 4.34 -11.91
CA HIS F 198 9.77 4.78 -11.69
C HIS F 198 8.83 4.18 -12.74
N GLN F 199 7.54 4.04 -12.40
CA GLN F 199 6.49 3.57 -13.33
C GLN F 199 6.56 4.30 -14.67
N GLY F 200 6.77 5.63 -14.66
CA GLY F 200 6.64 6.46 -15.88
C GLY F 200 7.87 6.44 -16.76
N LEU F 201 8.91 5.74 -16.34
CA LEU F 201 10.11 5.55 -17.19
C LEU F 201 10.09 4.13 -17.78
N SER F 202 10.45 4.04 -19.07
CA SER F 202 10.61 2.77 -19.82
C SER F 202 11.92 2.10 -19.40
N SER F 203 12.90 2.90 -19.01
CA SER F 203 14.13 2.33 -18.44
C SER F 203 14.70 3.34 -17.47
N PRO F 204 15.46 2.84 -16.48
CA PRO F 204 16.13 3.70 -15.50
C PRO F 204 16.84 4.89 -16.14
N VAL F 205 16.69 6.06 -15.55
CA VAL F 205 17.45 7.27 -15.93
C VAL F 205 18.62 7.40 -14.97
N THR F 206 19.81 7.59 -15.51
CA THR F 206 21.04 7.87 -14.77
C THR F 206 21.52 9.31 -15.06
N LYS F 207 21.76 10.08 -14.01
CA LYS F 207 22.42 11.39 -14.10
C LYS F 207 23.73 11.26 -13.37
N SER F 208 24.82 11.74 -13.97
CA SER F 208 26.13 11.63 -13.31
C SER F 208 26.96 12.87 -13.54
N PHE F 209 28.03 13.02 -12.78
CA PHE F 209 29.09 14.00 -13.06
C PHE F 209 30.44 13.38 -12.69
N ASN F 210 31.52 13.97 -13.20
CA ASN F 210 32.94 13.56 -12.99
C ASN F 210 33.56 14.53 -11.99
N ARG F 211 33.97 14.05 -10.82
CA ARG F 211 34.52 14.91 -9.75
C ARG F 211 35.66 15.78 -10.29
N GLY F 212 35.61 17.07 -10.00
CA GLY F 212 36.71 18.05 -10.17
C GLY F 212 36.89 18.45 -11.62
N GLU F 213 35.79 18.86 -12.28
CA GLU F 213 35.74 19.20 -13.73
C GLU F 213 34.62 20.20 -14.02
N CYS F 214 34.88 21.49 -13.78
CA CYS F 214 34.00 22.68 -14.02
C CYS F 214 32.60 22.27 -14.53
#